data_1IK1
# 
_entry.id   1IK1 
# 
_audit_conform.dict_name       mmcif_pdbx.dic 
_audit_conform.dict_version    5.391 
_audit_conform.dict_location   http://mmcif.pdb.org/dictionaries/ascii/mmcif_pdbx.dic 
# 
loop_
_database_2.database_id 
_database_2.database_code 
_database_2.pdbx_database_accession 
_database_2.pdbx_DOI 
PDB   1IK1         pdb_00001ik1 10.2210/pdb1ik1/pdb 
RCSB  RCSB013352   ?            ?                   
WWPDB D_1000013352 ?            ?                   
# 
loop_
_pdbx_audit_revision_history.ordinal 
_pdbx_audit_revision_history.data_content_type 
_pdbx_audit_revision_history.major_revision 
_pdbx_audit_revision_history.minor_revision 
_pdbx_audit_revision_history.revision_date 
1 'Structure model' 1 0 2001-07-18 
2 'Structure model' 1 1 2008-04-27 
3 'Structure model' 1 2 2011-07-13 
4 'Structure model' 1 3 2018-01-24 
5 'Structure model' 1 4 2018-01-31 
6 'Structure model' 1 5 2024-05-01 
# 
_pdbx_audit_revision_details.ordinal             1 
_pdbx_audit_revision_details.revision_ordinal    1 
_pdbx_audit_revision_details.data_content_type   'Structure model' 
_pdbx_audit_revision_details.provider            repository 
_pdbx_audit_revision_details.type                'Initial release' 
_pdbx_audit_revision_details.description         ? 
_pdbx_audit_revision_details.details             ? 
# 
loop_
_pdbx_audit_revision_group.ordinal 
_pdbx_audit_revision_group.revision_ordinal 
_pdbx_audit_revision_group.data_content_type 
_pdbx_audit_revision_group.group 
1 2 'Structure model' 'Version format compliance' 
2 3 'Structure model' 'Version format compliance' 
3 4 'Structure model' 'Database references'       
4 4 'Structure model' 'Derived calculations'      
5 5 'Structure model' 'Database references'       
6 6 'Structure model' 'Data collection'           
7 6 'Structure model' 'Database references'       
# 
loop_
_pdbx_audit_revision_category.ordinal 
_pdbx_audit_revision_category.revision_ordinal 
_pdbx_audit_revision_category.data_content_type 
_pdbx_audit_revision_category.category 
1 4 'Structure model' citation_author       
2 4 'Structure model' pdbx_struct_assembly  
3 4 'Structure model' pdbx_struct_oper_list 
4 5 'Structure model' citation_author       
5 6 'Structure model' chem_comp_atom        
6 6 'Structure model' chem_comp_bond        
7 6 'Structure model' database_2            
8 6 'Structure model' pdbx_nmr_software     
# 
loop_
_pdbx_audit_revision_item.ordinal 
_pdbx_audit_revision_item.revision_ordinal 
_pdbx_audit_revision_item.data_content_type 
_pdbx_audit_revision_item.item 
1 4 'Structure model' '_citation_author.name'               
2 5 'Structure model' '_citation_author.name'               
3 6 'Structure model' '_database_2.pdbx_DOI'                
4 6 'Structure model' '_database_2.pdbx_database_accession' 
5 6 'Structure model' '_pdbx_nmr_software.name'             
# 
_pdbx_database_status.status_code                     REL 
_pdbx_database_status.entry_id                        1IK1 
_pdbx_database_status.recvd_initial_deposition_date   2001-05-01 
_pdbx_database_status.deposit_site                    RCSB 
_pdbx_database_status.process_site                    RCSB 
_pdbx_database_status.SG_entry                        . 
_pdbx_database_status.pdb_format_compatible           Y 
_pdbx_database_status.status_code_mr                  ? 
_pdbx_database_status.status_code_sf                  ? 
_pdbx_database_status.status_code_cs                  ? 
_pdbx_database_status.methods_development_category    ? 
_pdbx_database_status.status_code_nmr_data            ? 
# 
loop_
_audit_author.name 
_audit_author.pdbx_ordinal 
'Huang, H.'        1 
'Alexandrov, A.'   2 
'Chen, X.'         3 
'Barnes III, T.W.' 4 
'Zhang, H.'        5 
'Dutta, K.'        6 
'Pascal, S.M.'     7 
# 
_citation.id                        primary 
_citation.title                     'Structure of an RNA hairpin from HRV-14.' 
_citation.journal_abbrev            Biochemistry 
_citation.journal_volume            40 
_citation.page_first                8055 
_citation.page_last                 8064 
_citation.year                      2001 
_citation.journal_id_ASTM           BICHAW 
_citation.country                   US 
_citation.journal_id_ISSN           0006-2960 
_citation.journal_id_CSD            0033 
_citation.book_publisher            ? 
_citation.pdbx_database_id_PubMed   11434774 
_citation.pdbx_database_id_DOI      10.1021/bi010572b 
# 
loop_
_citation_author.citation_id 
_citation_author.name 
_citation_author.ordinal 
_citation_author.identifier_ORCID 
primary 'Huang, H.'        1 ? 
primary 'Alexandrov, A.'   2 ? 
primary 'Chen, X.'         3 ? 
primary 'Barnes III, T.W.' 4 ? 
primary 'Zhang, H.'        5 ? 
primary 'Dutta, K.'        6 ? 
primary 'Pascal, S.M.'     7 ? 
# 
_entity.id                         1 
_entity.type                       polymer 
_entity.src_method                 syn 
_entity.pdbx_description           "5'-R(*GP*GP*UP*AP*CP*UP*AP*UP*GP*UP*AP*CP*CP*A)-3'" 
_entity.formula_weight             4447.691 
_entity.pdbx_number_of_molecules   1 
_entity.pdbx_ec                    ? 
_entity.pdbx_mutation              ? 
_entity.pdbx_fragment              ? 
_entity.details                    'HRV-14 stem loop d hairpin' 
# 
_entity_poly.entity_id                      1 
_entity_poly.type                           polyribonucleotide 
_entity_poly.nstd_linkage                   no 
_entity_poly.nstd_monomer                   no 
_entity_poly.pdbx_seq_one_letter_code       GGUACUAUGUACCA 
_entity_poly.pdbx_seq_one_letter_code_can   GGUACUAUGUACCA 
_entity_poly.pdbx_strand_id                 A 
_entity_poly.pdbx_target_identifier         ? 
# 
loop_
_entity_poly_seq.entity_id 
_entity_poly_seq.num 
_entity_poly_seq.mon_id 
_entity_poly_seq.hetero 
1 1  G n 
1 2  G n 
1 3  U n 
1 4  A n 
1 5  C n 
1 6  U n 
1 7  A n 
1 8  U n 
1 9  G n 
1 10 U n 
1 11 A n 
1 12 C n 
1 13 C n 
1 14 A n 
# 
loop_
_chem_comp.id 
_chem_comp.type 
_chem_comp.mon_nstd_flag 
_chem_comp.name 
_chem_comp.pdbx_synonyms 
_chem_comp.formula 
_chem_comp.formula_weight 
A 'RNA linking' y "ADENOSINE-5'-MONOPHOSPHATE" ? 'C10 H14 N5 O7 P' 347.221 
C 'RNA linking' y "CYTIDINE-5'-MONOPHOSPHATE"  ? 'C9 H14 N3 O8 P'  323.197 
G 'RNA linking' y "GUANOSINE-5'-MONOPHOSPHATE" ? 'C10 H14 N5 O8 P' 363.221 
U 'RNA linking' y "URIDINE-5'-MONOPHOSPHATE"   ? 'C9 H13 N2 O9 P'  324.181 
# 
loop_
_pdbx_poly_seq_scheme.asym_id 
_pdbx_poly_seq_scheme.entity_id 
_pdbx_poly_seq_scheme.seq_id 
_pdbx_poly_seq_scheme.mon_id 
_pdbx_poly_seq_scheme.ndb_seq_num 
_pdbx_poly_seq_scheme.pdb_seq_num 
_pdbx_poly_seq_scheme.auth_seq_num 
_pdbx_poly_seq_scheme.pdb_mon_id 
_pdbx_poly_seq_scheme.auth_mon_id 
_pdbx_poly_seq_scheme.pdb_strand_id 
_pdbx_poly_seq_scheme.pdb_ins_code 
_pdbx_poly_seq_scheme.hetero 
A 1 1  G 1  1  1  G G A . n 
A 1 2  G 2  2  2  G G A . n 
A 1 3  U 3  3  3  U U A . n 
A 1 4  A 4  4  4  A A A . n 
A 1 5  C 5  5  5  C C A . n 
A 1 6  U 6  6  6  U U A . n 
A 1 7  A 7  7  7  A A A . n 
A 1 8  U 8  8  8  U U A . n 
A 1 9  G 9  9  9  G G A . n 
A 1 10 U 10 10 10 U U A . n 
A 1 11 A 11 11 11 A A A . n 
A 1 12 C 12 12 12 C C A . n 
A 1 13 C 13 13 13 C C A . n 
A 1 14 A 14 14 14 A A A . n 
# 
_cell.entry_id           1IK1 
_cell.length_a           ? 
_cell.length_b           ? 
_cell.length_c           ? 
_cell.angle_alpha        ? 
_cell.angle_beta         ? 
_cell.angle_gamma        ? 
_cell.Z_PDB              1 
_cell.pdbx_unique_axis   ? 
# 
_exptl.entry_id          1IK1 
_exptl.method            'SOLUTION NMR' 
_exptl.crystals_number   ? 
# 
_struct.entry_id                  1IK1 
_struct.title                     'Solution Structure of an RNA Hairpin from HRV-14' 
_struct.pdbx_model_details        ? 
_struct.pdbx_CASP_flag            ? 
_struct.pdbx_model_type_details   ? 
# 
_struct_keywords.entry_id        1IK1 
_struct_keywords.pdbx_keywords   RNA 
_struct_keywords.text            'A form helix, triloop, RNA' 
# 
_struct_asym.id                            A 
_struct_asym.pdbx_blank_PDB_chainid_flag   N 
_struct_asym.pdbx_modified                 N 
_struct_asym.entity_id                     1 
_struct_asym.details                       ? 
# 
_struct_ref.id                         1 
_struct_ref.db_name                    GB 
_struct_ref.db_code                    NC_001490 
_struct_ref.entity_id                  1 
_struct_ref.pdbx_seq_one_letter_code   GGUACUAUGUACC 
_struct_ref.pdbx_align_begin           53 
_struct_ref.pdbx_db_accession          9626735 
_struct_ref.pdbx_db_isoform            ? 
# 
_struct_ref_seq.align_id                      1 
_struct_ref_seq.ref_id                        1 
_struct_ref_seq.pdbx_PDB_id_code              1IK1 
_struct_ref_seq.pdbx_strand_id                A 
_struct_ref_seq.seq_align_beg                 1 
_struct_ref_seq.pdbx_seq_align_beg_ins_code   ? 
_struct_ref_seq.seq_align_end                 13 
_struct_ref_seq.pdbx_seq_align_end_ins_code   ? 
_struct_ref_seq.pdbx_db_accession             9626735 
_struct_ref_seq.db_align_beg                  53 
_struct_ref_seq.pdbx_db_align_beg_ins_code    ? 
_struct_ref_seq.db_align_end                  65 
_struct_ref_seq.pdbx_db_align_end_ins_code    ? 
_struct_ref_seq.pdbx_auth_seq_align_beg       1 
_struct_ref_seq.pdbx_auth_seq_align_end       13 
# 
_pdbx_struct_assembly.id                   1 
_pdbx_struct_assembly.details              author_defined_assembly 
_pdbx_struct_assembly.method_details       ? 
_pdbx_struct_assembly.oligomeric_details   monomeric 
_pdbx_struct_assembly.oligomeric_count     1 
# 
_pdbx_struct_assembly_gen.assembly_id       1 
_pdbx_struct_assembly_gen.oper_expression   1 
_pdbx_struct_assembly_gen.asym_id_list      A 
# 
_pdbx_struct_oper_list.id                   1 
_pdbx_struct_oper_list.type                 'identity operation' 
_pdbx_struct_oper_list.name                 1_555 
_pdbx_struct_oper_list.symmetry_operation   ? 
_pdbx_struct_oper_list.matrix[1][1]         1.0000000000 
_pdbx_struct_oper_list.matrix[1][2]         0.0000000000 
_pdbx_struct_oper_list.matrix[1][3]         0.0000000000 
_pdbx_struct_oper_list.vector[1]            0.0000000000 
_pdbx_struct_oper_list.matrix[2][1]         0.0000000000 
_pdbx_struct_oper_list.matrix[2][2]         1.0000000000 
_pdbx_struct_oper_list.matrix[2][3]         0.0000000000 
_pdbx_struct_oper_list.vector[2]            0.0000000000 
_pdbx_struct_oper_list.matrix[3][1]         0.0000000000 
_pdbx_struct_oper_list.matrix[3][2]         0.0000000000 
_pdbx_struct_oper_list.matrix[3][3]         1.0000000000 
_pdbx_struct_oper_list.vector[3]            0.0000000000 
# 
_struct_biol.id   1 
# 
loop_
_struct_conn.id 
_struct_conn.conn_type_id 
_struct_conn.pdbx_leaving_atom_flag 
_struct_conn.pdbx_PDB_id 
_struct_conn.ptnr1_label_asym_id 
_struct_conn.ptnr1_label_comp_id 
_struct_conn.ptnr1_label_seq_id 
_struct_conn.ptnr1_label_atom_id 
_struct_conn.pdbx_ptnr1_label_alt_id 
_struct_conn.pdbx_ptnr1_PDB_ins_code 
_struct_conn.pdbx_ptnr1_standard_comp_id 
_struct_conn.ptnr1_symmetry 
_struct_conn.ptnr2_label_asym_id 
_struct_conn.ptnr2_label_comp_id 
_struct_conn.ptnr2_label_seq_id 
_struct_conn.ptnr2_label_atom_id 
_struct_conn.pdbx_ptnr2_label_alt_id 
_struct_conn.pdbx_ptnr2_PDB_ins_code 
_struct_conn.ptnr1_auth_asym_id 
_struct_conn.ptnr1_auth_comp_id 
_struct_conn.ptnr1_auth_seq_id 
_struct_conn.ptnr2_auth_asym_id 
_struct_conn.ptnr2_auth_comp_id 
_struct_conn.ptnr2_auth_seq_id 
_struct_conn.ptnr2_symmetry 
_struct_conn.pdbx_ptnr3_label_atom_id 
_struct_conn.pdbx_ptnr3_label_seq_id 
_struct_conn.pdbx_ptnr3_label_comp_id 
_struct_conn.pdbx_ptnr3_label_asym_id 
_struct_conn.pdbx_ptnr3_label_alt_id 
_struct_conn.pdbx_ptnr3_PDB_ins_code 
_struct_conn.details 
_struct_conn.pdbx_dist_value 
_struct_conn.pdbx_value_order 
_struct_conn.pdbx_role 
hydrog1  hydrog ? ? A G 1 N1 ? ? ? 1_555 A C 13 N3 ? ? A G 1 A C 13 1_555 ? ? ? ? ? ? WATSON-CRICK ? ? ? 
hydrog2  hydrog ? ? A G 1 N2 ? ? ? 1_555 A C 13 O2 ? ? A G 1 A C 13 1_555 ? ? ? ? ? ? WATSON-CRICK ? ? ? 
hydrog3  hydrog ? ? A G 1 O6 ? ? ? 1_555 A C 13 N4 ? ? A G 1 A C 13 1_555 ? ? ? ? ? ? WATSON-CRICK ? ? ? 
hydrog4  hydrog ? ? A G 2 N1 ? ? ? 1_555 A C 12 N3 ? ? A G 2 A C 12 1_555 ? ? ? ? ? ? WATSON-CRICK ? ? ? 
hydrog5  hydrog ? ? A G 2 N2 ? ? ? 1_555 A C 12 O2 ? ? A G 2 A C 12 1_555 ? ? ? ? ? ? WATSON-CRICK ? ? ? 
hydrog6  hydrog ? ? A G 2 O6 ? ? ? 1_555 A C 12 N4 ? ? A G 2 A C 12 1_555 ? ? ? ? ? ? WATSON-CRICK ? ? ? 
hydrog7  hydrog ? ? A U 3 N3 ? ? ? 1_555 A A 11 N1 ? ? A U 3 A A 11 1_555 ? ? ? ? ? ? WATSON-CRICK ? ? ? 
hydrog8  hydrog ? ? A U 3 O4 ? ? ? 1_555 A A 11 N6 ? ? A U 3 A A 11 1_555 ? ? ? ? ? ? WATSON-CRICK ? ? ? 
hydrog9  hydrog ? ? A A 4 N1 ? ? ? 1_555 A U 10 N3 ? ? A A 4 A U 10 1_555 ? ? ? ? ? ? WATSON-CRICK ? ? ? 
hydrog10 hydrog ? ? A A 4 N6 ? ? ? 1_555 A U 10 O4 ? ? A A 4 A U 10 1_555 ? ? ? ? ? ? WATSON-CRICK ? ? ? 
hydrog11 hydrog ? ? A C 5 N3 ? ? ? 1_555 A G 9  N1 ? ? A C 5 A G 9  1_555 ? ? ? ? ? ? WATSON-CRICK ? ? ? 
hydrog12 hydrog ? ? A C 5 N4 ? ? ? 1_555 A G 9  O6 ? ? A C 5 A G 9  1_555 ? ? ? ? ? ? WATSON-CRICK ? ? ? 
hydrog13 hydrog ? ? A C 5 O2 ? ? ? 1_555 A G 9  N2 ? ? A C 5 A G 9  1_555 ? ? ? ? ? ? WATSON-CRICK ? ? ? 
# 
_struct_conn_type.id          hydrog 
_struct_conn_type.criteria    ? 
_struct_conn_type.reference   ? 
# 
_pdbx_validate_rmsd_angle.id                         1 
_pdbx_validate_rmsd_angle.PDB_model_num              1 
_pdbx_validate_rmsd_angle.auth_atom_id_1             "C5'" 
_pdbx_validate_rmsd_angle.auth_asym_id_1             A 
_pdbx_validate_rmsd_angle.auth_comp_id_1             C 
_pdbx_validate_rmsd_angle.auth_seq_id_1              5 
_pdbx_validate_rmsd_angle.PDB_ins_code_1             ? 
_pdbx_validate_rmsd_angle.label_alt_id_1             ? 
_pdbx_validate_rmsd_angle.auth_atom_id_2             "C4'" 
_pdbx_validate_rmsd_angle.auth_asym_id_2             A 
_pdbx_validate_rmsd_angle.auth_comp_id_2             C 
_pdbx_validate_rmsd_angle.auth_seq_id_2              5 
_pdbx_validate_rmsd_angle.PDB_ins_code_2             ? 
_pdbx_validate_rmsd_angle.label_alt_id_2             ? 
_pdbx_validate_rmsd_angle.auth_atom_id_3             "O4'" 
_pdbx_validate_rmsd_angle.auth_asym_id_3             A 
_pdbx_validate_rmsd_angle.auth_comp_id_3             C 
_pdbx_validate_rmsd_angle.auth_seq_id_3              5 
_pdbx_validate_rmsd_angle.PDB_ins_code_3             ? 
_pdbx_validate_rmsd_angle.label_alt_id_3             ? 
_pdbx_validate_rmsd_angle.angle_value                116.39 
_pdbx_validate_rmsd_angle.angle_target_value         109.80 
_pdbx_validate_rmsd_angle.angle_deviation            6.59 
_pdbx_validate_rmsd_angle.angle_standard_deviation   0.90 
_pdbx_validate_rmsd_angle.linker_flag                N 
# 
_pdbx_validate_planes.id              1 
_pdbx_validate_planes.PDB_model_num   1 
_pdbx_validate_planes.auth_comp_id    A 
_pdbx_validate_planes.auth_asym_id    A 
_pdbx_validate_planes.auth_seq_id     7 
_pdbx_validate_planes.PDB_ins_code    ? 
_pdbx_validate_planes.label_alt_id    ? 
_pdbx_validate_planes.rmsd            0.083 
_pdbx_validate_planes.type            'SIDE CHAIN' 
# 
_pdbx_nmr_ensemble.entry_id                             1IK1 
_pdbx_nmr_ensemble.conformers_calculated_total_number   ? 
_pdbx_nmr_ensemble.conformers_submitted_total_number    1 
_pdbx_nmr_ensemble.conformer_selection_criteria         ? 
# 
loop_
_pdbx_nmr_sample_details.solution_id 
_pdbx_nmr_sample_details.contents 
_pdbx_nmr_sample_details.solvent_system 
1 '1.5 mM RNA 14mer; 10 mM NaPi, 90 mM NaCl, 0.1 mM EDTA, pH 7.0' '100% D2O'        
2 '0.5 mM RNA 14mer; 10 mM NaPi, 90 mM NaCl, 0.1 mM EDTA, pH 7.0' '90% H2O/10% D2O' 
# 
loop_
_pdbx_nmr_exptl_sample_conditions.conditions_id 
_pdbx_nmr_exptl_sample_conditions.temperature 
_pdbx_nmr_exptl_sample_conditions.pressure 
_pdbx_nmr_exptl_sample_conditions.pH 
_pdbx_nmr_exptl_sample_conditions.ionic_strength 
_pdbx_nmr_exptl_sample_conditions.pressure_units 
_pdbx_nmr_exptl_sample_conditions.temperature_units 
1 298 ambient 7.0 '100 mM' ? K 
2 273 ambient 7.0 '100 mM' ? K 
# 
loop_
_pdbx_nmr_exptl.experiment_id 
_pdbx_nmr_exptl.solution_id 
_pdbx_nmr_exptl.conditions_id 
_pdbx_nmr_exptl.type 
1 1 1 '2D NOESY'    
2 1 1 DQF-COSY      
3 1 1 TOCSY         
4 1 1 1H,31P-Hetcor 
5 1 1 1H,13C-HMQC   
6 2 2 '2D NOESY'    
# 
_pdbx_nmr_refine.entry_id           1IK1 
_pdbx_nmr_refine.method             'simulated annealing' 
_pdbx_nmr_refine.details            'A total of 172 distance restraints and 40 dihedral angle restraints.' 
_pdbx_nmr_refine.software_ordinal   1 
# 
loop_
_pdbx_nmr_software.name 
_pdbx_nmr_software.version 
_pdbx_nmr_software.classification 
_pdbx_nmr_software.authors 
_pdbx_nmr_software.ordinal 
VNMR     ? collection           ? 1 
NMRPipe  ? processing           ? 2 
NMRDraw  ? 'data analysis'      ? 3 
NMRView  ? 'data analysis'      ? 4 
Discover ? 'structure solution' ? 5 
Discover ? refinement           ? 6 
# 
loop_
_chem_comp_atom.comp_id 
_chem_comp_atom.atom_id 
_chem_comp_atom.type_symbol 
_chem_comp_atom.pdbx_aromatic_flag 
_chem_comp_atom.pdbx_stereo_config 
_chem_comp_atom.pdbx_ordinal 
A OP3    O N N 1   
A P      P N N 2   
A OP1    O N N 3   
A OP2    O N N 4   
A "O5'"  O N N 5   
A "C5'"  C N N 6   
A "C4'"  C N R 7   
A "O4'"  O N N 8   
A "C3'"  C N S 9   
A "O3'"  O N N 10  
A "C2'"  C N R 11  
A "O2'"  O N N 12  
A "C1'"  C N R 13  
A N9     N Y N 14  
A C8     C Y N 15  
A N7     N Y N 16  
A C5     C Y N 17  
A C6     C Y N 18  
A N6     N N N 19  
A N1     N Y N 20  
A C2     C Y N 21  
A N3     N Y N 22  
A C4     C Y N 23  
A HOP3   H N N 24  
A HOP2   H N N 25  
A "H5'"  H N N 26  
A "H5''" H N N 27  
A "H4'"  H N N 28  
A "H3'"  H N N 29  
A "HO3'" H N N 30  
A "H2'"  H N N 31  
A "HO2'" H N N 32  
A "H1'"  H N N 33  
A H8     H N N 34  
A H61    H N N 35  
A H62    H N N 36  
A H2     H N N 37  
C OP3    O N N 38  
C P      P N N 39  
C OP1    O N N 40  
C OP2    O N N 41  
C "O5'"  O N N 42  
C "C5'"  C N N 43  
C "C4'"  C N R 44  
C "O4'"  O N N 45  
C "C3'"  C N S 46  
C "O3'"  O N N 47  
C "C2'"  C N R 48  
C "O2'"  O N N 49  
C "C1'"  C N R 50  
C N1     N N N 51  
C C2     C N N 52  
C O2     O N N 53  
C N3     N N N 54  
C C4     C N N 55  
C N4     N N N 56  
C C5     C N N 57  
C C6     C N N 58  
C HOP3   H N N 59  
C HOP2   H N N 60  
C "H5'"  H N N 61  
C "H5''" H N N 62  
C "H4'"  H N N 63  
C "H3'"  H N N 64  
C "HO3'" H N N 65  
C "H2'"  H N N 66  
C "HO2'" H N N 67  
C "H1'"  H N N 68  
C H41    H N N 69  
C H42    H N N 70  
C H5     H N N 71  
C H6     H N N 72  
G OP3    O N N 73  
G P      P N N 74  
G OP1    O N N 75  
G OP2    O N N 76  
G "O5'"  O N N 77  
G "C5'"  C N N 78  
G "C4'"  C N R 79  
G "O4'"  O N N 80  
G "C3'"  C N S 81  
G "O3'"  O N N 82  
G "C2'"  C N R 83  
G "O2'"  O N N 84  
G "C1'"  C N R 85  
G N9     N Y N 86  
G C8     C Y N 87  
G N7     N Y N 88  
G C5     C Y N 89  
G C6     C N N 90  
G O6     O N N 91  
G N1     N N N 92  
G C2     C N N 93  
G N2     N N N 94  
G N3     N N N 95  
G C4     C Y N 96  
G HOP3   H N N 97  
G HOP2   H N N 98  
G "H5'"  H N N 99  
G "H5''" H N N 100 
G "H4'"  H N N 101 
G "H3'"  H N N 102 
G "HO3'" H N N 103 
G "H2'"  H N N 104 
G "HO2'" H N N 105 
G "H1'"  H N N 106 
G H8     H N N 107 
G H1     H N N 108 
G H21    H N N 109 
G H22    H N N 110 
U OP3    O N N 111 
U P      P N N 112 
U OP1    O N N 113 
U OP2    O N N 114 
U "O5'"  O N N 115 
U "C5'"  C N N 116 
U "C4'"  C N R 117 
U "O4'"  O N N 118 
U "C3'"  C N S 119 
U "O3'"  O N N 120 
U "C2'"  C N R 121 
U "O2'"  O N N 122 
U "C1'"  C N R 123 
U N1     N N N 124 
U C2     C N N 125 
U O2     O N N 126 
U N3     N N N 127 
U C4     C N N 128 
U O4     O N N 129 
U C5     C N N 130 
U C6     C N N 131 
U HOP3   H N N 132 
U HOP2   H N N 133 
U "H5'"  H N N 134 
U "H5''" H N N 135 
U "H4'"  H N N 136 
U "H3'"  H N N 137 
U "HO3'" H N N 138 
U "H2'"  H N N 139 
U "HO2'" H N N 140 
U "H1'"  H N N 141 
U H3     H N N 142 
U H5     H N N 143 
U H6     H N N 144 
# 
loop_
_chem_comp_bond.comp_id 
_chem_comp_bond.atom_id_1 
_chem_comp_bond.atom_id_2 
_chem_comp_bond.value_order 
_chem_comp_bond.pdbx_aromatic_flag 
_chem_comp_bond.pdbx_stereo_config 
_chem_comp_bond.pdbx_ordinal 
A OP3   P      sing N N 1   
A OP3   HOP3   sing N N 2   
A P     OP1    doub N N 3   
A P     OP2    sing N N 4   
A P     "O5'"  sing N N 5   
A OP2   HOP2   sing N N 6   
A "O5'" "C5'"  sing N N 7   
A "C5'" "C4'"  sing N N 8   
A "C5'" "H5'"  sing N N 9   
A "C5'" "H5''" sing N N 10  
A "C4'" "O4'"  sing N N 11  
A "C4'" "C3'"  sing N N 12  
A "C4'" "H4'"  sing N N 13  
A "O4'" "C1'"  sing N N 14  
A "C3'" "O3'"  sing N N 15  
A "C3'" "C2'"  sing N N 16  
A "C3'" "H3'"  sing N N 17  
A "O3'" "HO3'" sing N N 18  
A "C2'" "O2'"  sing N N 19  
A "C2'" "C1'"  sing N N 20  
A "C2'" "H2'"  sing N N 21  
A "O2'" "HO2'" sing N N 22  
A "C1'" N9     sing N N 23  
A "C1'" "H1'"  sing N N 24  
A N9    C8     sing Y N 25  
A N9    C4     sing Y N 26  
A C8    N7     doub Y N 27  
A C8    H8     sing N N 28  
A N7    C5     sing Y N 29  
A C5    C6     sing Y N 30  
A C5    C4     doub Y N 31  
A C6    N6     sing N N 32  
A C6    N1     doub Y N 33  
A N6    H61    sing N N 34  
A N6    H62    sing N N 35  
A N1    C2     sing Y N 36  
A C2    N3     doub Y N 37  
A C2    H2     sing N N 38  
A N3    C4     sing Y N 39  
C OP3   P      sing N N 40  
C OP3   HOP3   sing N N 41  
C P     OP1    doub N N 42  
C P     OP2    sing N N 43  
C P     "O5'"  sing N N 44  
C OP2   HOP2   sing N N 45  
C "O5'" "C5'"  sing N N 46  
C "C5'" "C4'"  sing N N 47  
C "C5'" "H5'"  sing N N 48  
C "C5'" "H5''" sing N N 49  
C "C4'" "O4'"  sing N N 50  
C "C4'" "C3'"  sing N N 51  
C "C4'" "H4'"  sing N N 52  
C "O4'" "C1'"  sing N N 53  
C "C3'" "O3'"  sing N N 54  
C "C3'" "C2'"  sing N N 55  
C "C3'" "H3'"  sing N N 56  
C "O3'" "HO3'" sing N N 57  
C "C2'" "O2'"  sing N N 58  
C "C2'" "C1'"  sing N N 59  
C "C2'" "H2'"  sing N N 60  
C "O2'" "HO2'" sing N N 61  
C "C1'" N1     sing N N 62  
C "C1'" "H1'"  sing N N 63  
C N1    C2     sing N N 64  
C N1    C6     sing N N 65  
C C2    O2     doub N N 66  
C C2    N3     sing N N 67  
C N3    C4     doub N N 68  
C C4    N4     sing N N 69  
C C4    C5     sing N N 70  
C N4    H41    sing N N 71  
C N4    H42    sing N N 72  
C C5    C6     doub N N 73  
C C5    H5     sing N N 74  
C C6    H6     sing N N 75  
G OP3   P      sing N N 76  
G OP3   HOP3   sing N N 77  
G P     OP1    doub N N 78  
G P     OP2    sing N N 79  
G P     "O5'"  sing N N 80  
G OP2   HOP2   sing N N 81  
G "O5'" "C5'"  sing N N 82  
G "C5'" "C4'"  sing N N 83  
G "C5'" "H5'"  sing N N 84  
G "C5'" "H5''" sing N N 85  
G "C4'" "O4'"  sing N N 86  
G "C4'" "C3'"  sing N N 87  
G "C4'" "H4'"  sing N N 88  
G "O4'" "C1'"  sing N N 89  
G "C3'" "O3'"  sing N N 90  
G "C3'" "C2'"  sing N N 91  
G "C3'" "H3'"  sing N N 92  
G "O3'" "HO3'" sing N N 93  
G "C2'" "O2'"  sing N N 94  
G "C2'" "C1'"  sing N N 95  
G "C2'" "H2'"  sing N N 96  
G "O2'" "HO2'" sing N N 97  
G "C1'" N9     sing N N 98  
G "C1'" "H1'"  sing N N 99  
G N9    C8     sing Y N 100 
G N9    C4     sing Y N 101 
G C8    N7     doub Y N 102 
G C8    H8     sing N N 103 
G N7    C5     sing Y N 104 
G C5    C6     sing N N 105 
G C5    C4     doub Y N 106 
G C6    O6     doub N N 107 
G C6    N1     sing N N 108 
G N1    C2     sing N N 109 
G N1    H1     sing N N 110 
G C2    N2     sing N N 111 
G C2    N3     doub N N 112 
G N2    H21    sing N N 113 
G N2    H22    sing N N 114 
G N3    C4     sing N N 115 
U OP3   P      sing N N 116 
U OP3   HOP3   sing N N 117 
U P     OP1    doub N N 118 
U P     OP2    sing N N 119 
U P     "O5'"  sing N N 120 
U OP2   HOP2   sing N N 121 
U "O5'" "C5'"  sing N N 122 
U "C5'" "C4'"  sing N N 123 
U "C5'" "H5'"  sing N N 124 
U "C5'" "H5''" sing N N 125 
U "C4'" "O4'"  sing N N 126 
U "C4'" "C3'"  sing N N 127 
U "C4'" "H4'"  sing N N 128 
U "O4'" "C1'"  sing N N 129 
U "C3'" "O3'"  sing N N 130 
U "C3'" "C2'"  sing N N 131 
U "C3'" "H3'"  sing N N 132 
U "O3'" "HO3'" sing N N 133 
U "C2'" "O2'"  sing N N 134 
U "C2'" "C1'"  sing N N 135 
U "C2'" "H2'"  sing N N 136 
U "O2'" "HO2'" sing N N 137 
U "C1'" N1     sing N N 138 
U "C1'" "H1'"  sing N N 139 
U N1    C2     sing N N 140 
U N1    C6     sing N N 141 
U C2    O2     doub N N 142 
U C2    N3     sing N N 143 
U N3    C4     sing N N 144 
U N3    H3     sing N N 145 
U C4    O4     doub N N 146 
U C4    C5     sing N N 147 
U C5    C6     doub N N 148 
U C5    H5     sing N N 149 
U C6    H6     sing N N 150 
# 
loop_
_ndb_struct_conf_na.entry_id 
_ndb_struct_conf_na.feature 
1IK1 'a-form double helix' 
1IK1 'hairpin loop'        
# 
loop_
_ndb_struct_na_base_pair.model_number 
_ndb_struct_na_base_pair.i_label_asym_id 
_ndb_struct_na_base_pair.i_label_comp_id 
_ndb_struct_na_base_pair.i_label_seq_id 
_ndb_struct_na_base_pair.i_symmetry 
_ndb_struct_na_base_pair.j_label_asym_id 
_ndb_struct_na_base_pair.j_label_comp_id 
_ndb_struct_na_base_pair.j_label_seq_id 
_ndb_struct_na_base_pair.j_symmetry 
_ndb_struct_na_base_pair.shear 
_ndb_struct_na_base_pair.stretch 
_ndb_struct_na_base_pair.stagger 
_ndb_struct_na_base_pair.buckle 
_ndb_struct_na_base_pair.propeller 
_ndb_struct_na_base_pair.opening 
_ndb_struct_na_base_pair.pair_number 
_ndb_struct_na_base_pair.pair_name 
_ndb_struct_na_base_pair.i_auth_asym_id 
_ndb_struct_na_base_pair.i_auth_seq_id 
_ndb_struct_na_base_pair.i_PDB_ins_code 
_ndb_struct_na_base_pair.j_auth_asym_id 
_ndb_struct_na_base_pair.j_auth_seq_id 
_ndb_struct_na_base_pair.j_PDB_ins_code 
_ndb_struct_na_base_pair.hbond_type_28 
_ndb_struct_na_base_pair.hbond_type_12 
1 A G 1 1_555 A C 13 1_555 -0.463 -0.128 0.172  -5.777 -9.169  -2.488 1 A_G1:C13_A A 1 ? A 13 ? 19 1 
1 A G 2 1_555 A C 12 1_555 -0.599 -0.162 -0.119 -5.378 -20.752 0.679  2 A_G2:C12_A A 2 ? A 12 ? 19 1 
1 A U 3 1_555 A A 11 1_555 -0.045 -0.067 -0.203 2.449  -26.688 1.994  3 A_U3:A11_A A 3 ? A 11 ? 20 1 
1 A A 4 1_555 A U 10 1_555 0.070  -0.050 0.301  -1.067 -16.004 -1.983 4 A_A4:U10_A A 4 ? A 10 ? 20 1 
1 A C 5 1_555 A G 9  1_555 0.578  -0.170 0.113  15.334 -12.957 -3.510 5 A_C5:G9_A  A 5 ? A 9  ? 19 1 
# 
loop_
_ndb_struct_na_base_pair_step.model_number 
_ndb_struct_na_base_pair_step.i_label_asym_id_1 
_ndb_struct_na_base_pair_step.i_label_comp_id_1 
_ndb_struct_na_base_pair_step.i_label_seq_id_1 
_ndb_struct_na_base_pair_step.i_symmetry_1 
_ndb_struct_na_base_pair_step.j_label_asym_id_1 
_ndb_struct_na_base_pair_step.j_label_comp_id_1 
_ndb_struct_na_base_pair_step.j_label_seq_id_1 
_ndb_struct_na_base_pair_step.j_symmetry_1 
_ndb_struct_na_base_pair_step.i_label_asym_id_2 
_ndb_struct_na_base_pair_step.i_label_comp_id_2 
_ndb_struct_na_base_pair_step.i_label_seq_id_2 
_ndb_struct_na_base_pair_step.i_symmetry_2 
_ndb_struct_na_base_pair_step.j_label_asym_id_2 
_ndb_struct_na_base_pair_step.j_label_comp_id_2 
_ndb_struct_na_base_pair_step.j_label_seq_id_2 
_ndb_struct_na_base_pair_step.j_symmetry_2 
_ndb_struct_na_base_pair_step.shift 
_ndb_struct_na_base_pair_step.slide 
_ndb_struct_na_base_pair_step.rise 
_ndb_struct_na_base_pair_step.tilt 
_ndb_struct_na_base_pair_step.roll 
_ndb_struct_na_base_pair_step.twist 
_ndb_struct_na_base_pair_step.x_displacement 
_ndb_struct_na_base_pair_step.y_displacement 
_ndb_struct_na_base_pair_step.helical_rise 
_ndb_struct_na_base_pair_step.inclination 
_ndb_struct_na_base_pair_step.tip 
_ndb_struct_na_base_pair_step.helical_twist 
_ndb_struct_na_base_pair_step.step_number 
_ndb_struct_na_base_pair_step.step_name 
_ndb_struct_na_base_pair_step.i_auth_asym_id_1 
_ndb_struct_na_base_pair_step.i_auth_seq_id_1 
_ndb_struct_na_base_pair_step.i_PDB_ins_code_1 
_ndb_struct_na_base_pair_step.j_auth_asym_id_1 
_ndb_struct_na_base_pair_step.j_auth_seq_id_1 
_ndb_struct_na_base_pair_step.j_PDB_ins_code_1 
_ndb_struct_na_base_pair_step.i_auth_asym_id_2 
_ndb_struct_na_base_pair_step.i_auth_seq_id_2 
_ndb_struct_na_base_pair_step.i_PDB_ins_code_2 
_ndb_struct_na_base_pair_step.j_auth_asym_id_2 
_ndb_struct_na_base_pair_step.j_auth_seq_id_2 
_ndb_struct_na_base_pair_step.j_PDB_ins_code_2 
1 A G 1 1_555 A C 13 1_555 A G 2 1_555 A C 12 1_555 0.071  -1.873 3.137 1.623  9.763  28.176 -5.402 0.155  2.370 19.315 -3.211 
29.831 1 AA_G1G2:C12C13_AA A 1 ? A 13 ? A 2 ? A 12 ? 
1 A G 2 1_555 A C 12 1_555 A U 3 1_555 A A 11 1_555 0.098  -1.201 2.949 1.897  4.712  34.894 -2.597 0.086  2.770 7.806  -3.143 
35.250 2 AA_G2U3:A11C12_AA A 2 ? A 12 ? A 3 ? A 11 ? 
1 A U 3 1_555 A A 11 1_555 A A 4 1_555 A U 10 1_555 -0.012 -1.608 3.076 -2.333 22.285 31.050 -4.706 -0.216 1.605 36.302 3.801  
38.128 3 AA_U3A4:U10A11_AA A 3 ? A 11 ? A 4 ? A 10 ? 
1 A A 4 1_555 A U 10 1_555 A C 5 1_555 A G 9  1_555 -0.251 -1.247 2.854 -1.739 1.287  33.657 -2.330 0.188  2.815 2.219  3.000  
33.725 4 AA_A4C5:G9U10_AA  A 4 ? A 10 ? A 5 ? A 9  ? 
# 
_pdbx_nmr_spectrometer.spectrometer_id   1 
_pdbx_nmr_spectrometer.type              ? 
_pdbx_nmr_spectrometer.manufacturer      Varian 
_pdbx_nmr_spectrometer.model             INOVA 
_pdbx_nmr_spectrometer.field_strength    600 
# 
_atom_sites.entry_id                    1IK1 
_atom_sites.fract_transf_matrix[1][1]   1.000000 
_atom_sites.fract_transf_matrix[1][2]   0.000000 
_atom_sites.fract_transf_matrix[1][3]   0.000000 
_atom_sites.fract_transf_matrix[2][1]   0.000000 
_atom_sites.fract_transf_matrix[2][2]   1.000000 
_atom_sites.fract_transf_matrix[2][3]   0.000000 
_atom_sites.fract_transf_matrix[3][1]   0.000000 
_atom_sites.fract_transf_matrix[3][2]   0.000000 
_atom_sites.fract_transf_matrix[3][3]   1.000000 
_atom_sites.fract_transf_vector[1]      0.00000 
_atom_sites.fract_transf_vector[2]      0.00000 
_atom_sites.fract_transf_vector[3]      0.00000 
# 
loop_
_atom_type.symbol 
C 
H 
N 
O 
P 
# 
loop_
_atom_site.group_PDB 
_atom_site.id 
_atom_site.type_symbol 
_atom_site.label_atom_id 
_atom_site.label_alt_id 
_atom_site.label_comp_id 
_atom_site.label_asym_id 
_atom_site.label_entity_id 
_atom_site.label_seq_id 
_atom_site.pdbx_PDB_ins_code 
_atom_site.Cartn_x 
_atom_site.Cartn_y 
_atom_site.Cartn_z 
_atom_site.occupancy 
_atom_site.B_iso_or_equiv 
_atom_site.pdbx_formal_charge 
_atom_site.auth_seq_id 
_atom_site.auth_comp_id 
_atom_site.auth_asym_id 
_atom_site.auth_atom_id 
_atom_site.pdbx_PDB_model_num 
ATOM 1   O "O5'"  . G A 1 1  ? 7.551   -9.973  -1.945  1.00 0.00 ? 1  G A "O5'"  1 
ATOM 2   C "C5'"  . G A 1 1  ? 8.923   -10.205 -2.188  1.00 0.00 ? 1  G A "C5'"  1 
ATOM 3   C "C4'"  . G A 1 1  ? 9.564   -8.992  -2.874  1.00 0.00 ? 1  G A "C4'"  1 
ATOM 4   O "O4'"  . G A 1 1  ? 8.991   -8.762  -4.151  1.00 0.00 ? 1  G A "O4'"  1 
ATOM 5   C "C3'"  . G A 1 1  ? 9.401   -7.692  -2.079  1.00 0.00 ? 1  G A "C3'"  1 
ATOM 6   O "O3'"  . G A 1 1  ? 10.368  -7.578  -1.043  1.00 0.00 ? 1  G A "O3'"  1 
ATOM 7   C "C2'"  . G A 1 1  ? 9.593   -6.673  -3.199  1.00 0.00 ? 1  G A "C2'"  1 
ATOM 8   O "O2'"  . G A 1 1  ? 10.965  -6.516  -3.511  1.00 0.00 ? 1  G A "O2'"  1 
ATOM 9   C "C1'"  . G A 1 1  ? 8.880   -7.364  -4.371  1.00 0.00 ? 1  G A "C1'"  1 
ATOM 10  N N9     . G A 1 1  ? 7.452   -6.955  -4.445  1.00 0.00 ? 1  G A N9     1 
ATOM 11  C C8     . G A 1 1  ? 6.312   -7.659  -4.140  1.00 0.00 ? 1  G A C8     1 
ATOM 12  N N7     . G A 1 1  ? 5.202   -7.012  -4.361  1.00 0.00 ? 1  G A N7     1 
ATOM 13  C C5     . G A 1 1  ? 5.625   -5.785  -4.851  1.00 0.00 ? 1  G A C5     1 
ATOM 14  C C6     . G A 1 1  ? 4.868   -4.649  -5.283  1.00 0.00 ? 1  G A C6     1 
ATOM 15  O O6     . G A 1 1  ? 3.644   -4.528  -5.293  1.00 0.00 ? 1  G A O6     1 
ATOM 16  N N1     . G A 1 1  ? 5.670   -3.591  -5.729  1.00 0.00 ? 1  G A N1     1 
ATOM 17  C C2     . G A 1 1  ? 7.065   -3.624  -5.742  1.00 0.00 ? 1  G A C2     1 
ATOM 18  N N2     . G A 1 1  ? 7.704   -2.539  -6.187  1.00 0.00 ? 1  G A N2     1 
ATOM 19  N N3     . G A 1 1  ? 7.774   -4.695  -5.330  1.00 0.00 ? 1  G A N3     1 
ATOM 20  C C4     . G A 1 1  ? 7.006   -5.739  -4.902  1.00 0.00 ? 1  G A C4     1 
ATOM 21  H "H5'"  . G A 1 1  ? 9.034   -11.088 -2.819  1.00 0.00 ? 1  G A "H5'"  1 
ATOM 22  H "H5''" . G A 1 1  ? 9.424   -10.385 -1.236  1.00 0.00 ? 1  G A "H5''" 1 
ATOM 23  H "H4'"  . G A 1 1  ? 10.627  -9.191  -3.029  1.00 0.00 ? 1  G A "H4'"  1 
ATOM 24  H "H3'"  . G A 1 1  ? 8.381   -7.617  -1.693  1.00 0.00 ? 1  G A "H3'"  1 
ATOM 25  H "H2'"  . G A 1 1  ? 9.159   -5.707  -2.947  1.00 0.00 ? 1  G A "H2'"  1 
ATOM 26  H "HO2'" . G A 1 1  ? 11.480  -6.978  -2.844  1.00 0.00 ? 1  G A "HO2'" 1 
ATOM 27  H "H1'"  . G A 1 1  ? 9.356   -7.108  -5.320  1.00 0.00 ? 1  G A "H1'"  1 
ATOM 28  H H8     . G A 1 1  ? 6.315   -8.670  -3.762  1.00 0.00 ? 1  G A H8     1 
ATOM 29  H H1     . G A 1 1  ? 5.200   -2.761  -6.058  1.00 0.00 ? 1  G A H1     1 
ATOM 30  H H21    . G A 1 1  ? 7.182   -1.731  -6.489  1.00 0.00 ? 1  G A H21    1 
ATOM 31  H H22    . G A 1 1  ? 8.714   -2.525  -6.214  1.00 0.00 ? 1  G A H22    1 
ATOM 32  H "HO5'" . G A 1 1  ? 7.194   -10.706 -1.437  1.00 0.00 ? 1  G A "HO5'" 1 
ATOM 33  P P      . G A 1 2  ? 10.179  -6.587  0.226   1.00 0.00 ? 2  G A P      1 
ATOM 34  O OP1    . G A 1 2  ? 11.432  -6.616  1.012   1.00 0.00 ? 2  G A OP1    1 
ATOM 35  O OP2    . G A 1 2  ? 8.899   -6.931  0.884   1.00 0.00 ? 2  G A OP2    1 
ATOM 36  O "O5'"  . G A 1 2  ? 10.021  -5.114  -0.425  1.00 0.00 ? 2  G A "O5'"  1 
ATOM 37  C "C5'"  . G A 1 2  ? 11.136  -4.355  -0.866  1.00 0.00 ? 2  G A "C5'"  1 
ATOM 38  C "C4'"  . G A 1 2  ? 10.670  -3.049  -1.521  1.00 0.00 ? 2  G A "C4'"  1 
ATOM 39  O "O4'"  . G A 1 2  ? 9.748   -3.286  -2.570  1.00 0.00 ? 2  G A "O4'"  1 
ATOM 40  C "C3'"  . G A 1 2  ? 9.954   -2.103  -0.557  1.00 0.00 ? 2  G A "C3'"  1 
ATOM 41  O "O3'"  . G A 1 2  ? 10.878  -1.434  0.294   1.00 0.00 ? 2  G A "O3'"  1 
ATOM 42  C "C2'"  . G A 1 2  ? 9.254   -1.181  -1.557  1.00 0.00 ? 2  G A "C2'"  1 
ATOM 43  O "O2'"  . G A 1 2  ? 10.125  -0.170  -2.029  1.00 0.00 ? 2  G A "O2'"  1 
ATOM 44  C "C1'"  . G A 1 2  ? 8.907   -2.152  -2.700  1.00 0.00 ? 2  G A "C1'"  1 
ATOM 45  N N9     . G A 1 2  ? 7.472   -2.529  -2.633  1.00 0.00 ? 2  G A N9     1 
ATOM 46  C C8     . G A 1 2  ? 6.865   -3.659  -2.138  1.00 0.00 ? 2  G A C8     1 
ATOM 47  N N7     . G A 1 2  ? 5.563   -3.650  -2.230  1.00 0.00 ? 2  G A N7     1 
ATOM 48  C C5     . G A 1 2  ? 5.275   -2.425  -2.821  1.00 0.00 ? 2  G A C5     1 
ATOM 49  C C6     . G A 1 2  ? 4.022   -1.841  -3.204  1.00 0.00 ? 2  G A C6     1 
ATOM 50  O O6     . G A 1 2  ? 2.898   -2.325  -3.085  1.00 0.00 ? 2  G A O6     1 
ATOM 51  N N1     . G A 1 2  ? 4.164   -0.567  -3.770  1.00 0.00 ? 2  G A N1     1 
ATOM 52  C C2     . G A 1 2  ? 5.386   0.077   -3.948  1.00 0.00 ? 2  G A C2     1 
ATOM 53  N N2     . G A 1 2  ? 5.369   1.308   -4.471  1.00 0.00 ? 2  G A N2     1 
ATOM 54  N N3     . G A 1 2  ? 6.562   -0.483  -3.604  1.00 0.00 ? 2  G A N3     1 
ATOM 55  C C4     . G A 1 2  ? 6.444   -1.727  -3.053  1.00 0.00 ? 2  G A C4     1 
ATOM 56  H "H5'"  . G A 1 2  ? 11.723  -4.924  -1.589  1.00 0.00 ? 2  G A "H5'"  1 
ATOM 57  H "H5''" . G A 1 2  ? 11.773  -4.109  -0.016  1.00 0.00 ? 2  G A "H5''" 1 
ATOM 58  H "H4'"  . G A 1 2  ? 11.538  -2.541  -1.948  1.00 0.00 ? 2  G A "H4'"  1 
ATOM 59  H "H3'"  . G A 1 2  ? 9.207   -2.664  0.012   1.00 0.00 ? 2  G A "H3'"  1 
ATOM 60  H "H2'"  . G A 1 2  ? 8.374   -0.712  -1.124  1.00 0.00 ? 2  G A "H2'"  1 
ATOM 61  H "HO2'" . G A 1 2  ? 11.029  -0.436  -1.853  1.00 0.00 ? 2  G A "HO2'" 1 
ATOM 62  H "H1'"  . G A 1 2  ? 9.098   -1.691  -3.670  1.00 0.00 ? 2  G A "H1'"  1 
ATOM 63  H H8     . G A 1 2  ? 7.408   -4.490  -1.714  1.00 0.00 ? 2  G A H8     1 
ATOM 64  H H1     . G A 1 2  ? 3.321   -0.089  -4.047  1.00 0.00 ? 2  G A H1     1 
ATOM 65  H H21    . G A 1 2  ? 4.493   1.746   -4.713  1.00 0.00 ? 2  G A H21    1 
ATOM 66  H H22    . G A 1 2  ? 6.237   1.806   -4.611  1.00 0.00 ? 2  G A H22    1 
ATOM 67  P P      . U A 1 3  ? 10.430  -0.679  1.655   1.00 0.00 ? 3  U A P      1 
ATOM 68  O OP1    . U A 1 3  ? 11.642  -0.080  2.259   1.00 0.00 ? 3  U A OP1    1 
ATOM 69  O OP2    . U A 1 3  ? 9.607   -1.617  2.449   1.00 0.00 ? 3  U A OP2    1 
ATOM 70  O "O5'"  . U A 1 3  ? 9.469   0.519   1.152   1.00 0.00 ? 3  U A "O5'"  1 
ATOM 71  C "C5'"  . U A 1 3  ? 9.972   1.747   0.650   1.00 0.00 ? 3  U A "C5'"  1 
ATOM 72  C "C4'"  . U A 1 3  ? 8.822   2.606   0.104   1.00 0.00 ? 3  U A "C4'"  1 
ATOM 73  O "O4'"  . U A 1 3  ? 8.064   1.917   -0.875  1.00 0.00 ? 3  U A "O4'"  1 
ATOM 74  C "C3'"  . U A 1 3  ? 7.814   3.034   1.173   1.00 0.00 ? 3  U A "C3'"  1 
ATOM 75  O "O3'"  . U A 1 3  ? 8.321   4.100   1.966   1.00 0.00 ? 3  U A "O3'"  1 
ATOM 76  C "C2'"  . U A 1 3  ? 6.634   3.434   0.286   1.00 0.00 ? 3  U A "C2'"  1 
ATOM 77  O "O2'"  . U A 1 3  ? 6.806   4.739   -0.238  1.00 0.00 ? 3  U A "O2'"  1 
ATOM 78  C "C1'"  . U A 1 3  ? 6.723   2.390   -0.842  1.00 0.00 ? 3  U A "C1'"  1 
ATOM 79  N N1     . U A 1 3  ? 5.740   1.286   -0.600  1.00 0.00 ? 3  U A N1     1 
ATOM 80  C C2     . U A 1 3  ? 4.435   1.465   -1.083  1.00 0.00 ? 3  U A C2     1 
ATOM 81  O O2     . U A 1 3  ? 4.070   2.466   -1.698  1.00 0.00 ? 3  U A O2     1 
ATOM 82  N N3     . U A 1 3  ? 3.538   0.431   -0.827  1.00 0.00 ? 3  U A N3     1 
ATOM 83  C C4     . U A 1 3  ? 3.801   -0.731  -0.106  1.00 0.00 ? 3  U A C4     1 
ATOM 84  O O4     . U A 1 3  ? 2.923   -1.573  0.058   1.00 0.00 ? 3  U A O4     1 
ATOM 85  C C5     . U A 1 3  ? 5.158   -0.815  0.406   1.00 0.00 ? 3  U A C5     1 
ATOM 86  C C6     . U A 1 3  ? 6.061   0.168   0.154   1.00 0.00 ? 3  U A C6     1 
ATOM 87  H "H5'"  . U A 1 3  ? 10.693  1.570   -0.148  1.00 0.00 ? 3  U A "H5'"  1 
ATOM 88  H "H5''" . U A 1 3  ? 10.467  2.293   1.455   1.00 0.00 ? 3  U A "H5''" 1 
ATOM 89  H "H4'"  . U A 1 3  ? 9.248   3.494   -0.368  1.00 0.00 ? 3  U A "H4'"  1 
ATOM 90  H "H3'"  . U A 1 3  ? 7.541   2.168   1.780   1.00 0.00 ? 3  U A "H3'"  1 
ATOM 91  H "H2'"  . U A 1 3  ? 5.686   3.393   0.823   1.00 0.00 ? 3  U A "H2'"  1 
ATOM 92  H "HO2'" . U A 1 3  ? 7.746   4.931   -0.285  1.00 0.00 ? 3  U A "HO2'" 1 
ATOM 93  H "H1'"  . U A 1 3  ? 6.532   2.851   -1.813  1.00 0.00 ? 3  U A "H1'"  1 
ATOM 94  H H3     . U A 1 3  ? 2.610   0.536   -1.201  1.00 0.00 ? 3  U A H3     1 
ATOM 95  H H5     . U A 1 3  ? 5.450   -1.673  0.998   1.00 0.00 ? 3  U A H5     1 
ATOM 96  H H6     . U A 1 3  ? 7.047   0.066   0.575   1.00 0.00 ? 3  U A H6     1 
ATOM 97  P P      . A A 1 4  ? 7.778   4.410   3.458   1.00 0.00 ? 4  A A P      1 
ATOM 98  O OP1    . A A 1 4  ? 8.463   5.629   3.946   1.00 0.00 ? 4  A A OP1    1 
ATOM 99  O OP2    . A A 1 4  ? 7.865   3.160   4.246   1.00 0.00 ? 4  A A OP2    1 
ATOM 100 O "O5'"  . A A 1 4  ? 6.215   4.758   3.246   1.00 0.00 ? 4  A A "O5'"  1 
ATOM 101 C "C5'"  . A A 1 4  ? 5.774   6.031   2.805   1.00 0.00 ? 4  A A "C5'"  1 
ATOM 102 C "C4'"  . A A 1 4  ? 4.252   6.027   2.625   1.00 0.00 ? 4  A A "C4'"  1 
ATOM 103 O "O4'"  . A A 1 4  ? 3.825   4.999   1.753   1.00 0.00 ? 4  A A "O4'"  1 
ATOM 104 C "C3'"  . A A 1 4  ? 3.506   5.777   3.930   1.00 0.00 ? 4  A A "C3'"  1 
ATOM 105 O "O3'"  . A A 1 4  ? 3.533   6.946   4.734   1.00 0.00 ? 4  A A "O3'"  1 
ATOM 106 C "C2'"  . A A 1 4  ? 2.131   5.364   3.394   1.00 0.00 ? 4  A A "C2'"  1 
ATOM 107 O "O2'"  . A A 1 4  ? 1.284   6.472   3.149   1.00 0.00 ? 4  A A "O2'"  1 
ATOM 108 C "C1'"  . A A 1 4  ? 2.479   4.679   2.063   1.00 0.00 ? 4  A A "C1'"  1 
ATOM 109 N N9     . A A 1 4  ? 2.297   3.210   2.151   1.00 0.00 ? 4  A A N9     1 
ATOM 110 C C8     . A A 1 4  ? 3.209   2.226   2.450   1.00 0.00 ? 4  A A C8     1 
ATOM 111 N N7     . A A 1 4  ? 2.738   1.013   2.358   1.00 0.00 ? 4  A A N7     1 
ATOM 112 C C5     . A A 1 4  ? 1.410   1.201   1.999   1.00 0.00 ? 4  A A C5     1 
ATOM 113 C C6     . A A 1 4  ? 0.334   0.314   1.732   1.00 0.00 ? 4  A A C6     1 
ATOM 114 N N6     . A A 1 4  ? 0.470   -1.018  1.711   1.00 0.00 ? 4  A A N6     1 
ATOM 115 N N1     . A A 1 4  ? -0.887  0.840   1.470   1.00 0.00 ? 4  A A N1     1 
ATOM 116 C C2     . A A 1 4  ? -1.042  2.168   1.448   1.00 0.00 ? 4  A A C2     1 
ATOM 117 N N3     . A A 1 4  ? -0.107  3.101   1.653   1.00 0.00 ? 4  A A N3     1 
ATOM 118 C C4     . A A 1 4  ? 1.116   2.547   1.926   1.00 0.00 ? 4  A A C4     1 
ATOM 119 H "H5'"  . A A 1 4  ? 6.242   6.294   1.856   1.00 0.00 ? 4  A A "H5'"  1 
ATOM 120 H "H5''" . A A 1 4  ? 6.032   6.787   3.548   1.00 0.00 ? 4  A A "H5''" 1 
ATOM 121 H "H4'"  . A A 1 4  ? 3.933   6.985   2.206   1.00 0.00 ? 4  A A "H4'"  1 
ATOM 122 H "H3'"  . A A 1 4  ? 3.954   4.931   4.459   1.00 0.00 ? 4  A A "H3'"  1 
ATOM 123 H "H2'"  . A A 1 4  ? 1.637   4.687   4.086   1.00 0.00 ? 4  A A "H2'"  1 
ATOM 124 H "HO2'" . A A 1 4  ? 1.825   7.249   2.994   1.00 0.00 ? 4  A A "HO2'" 1 
ATOM 125 H "H1'"  . A A 1 4  ? 1.849   5.062   1.258   1.00 0.00 ? 4  A A "H1'"  1 
ATOM 126 H H8     . A A 1 4  ? 4.234   2.430   2.723   1.00 0.00 ? 4  A A H8     1 
ATOM 127 H H61    . A A 1 4  ? -0.331  -1.601  1.512   1.00 0.00 ? 4  A A H61    1 
ATOM 128 H H62    . A A 1 4  ? 1.382   -1.436  1.830   1.00 0.00 ? 4  A A H62    1 
ATOM 129 H H2     . A A 1 4  ? -2.037  2.527   1.228   1.00 0.00 ? 4  A A H2     1 
ATOM 130 P P      . C A 1 5  ? 2.899   6.986   6.213   1.00 0.00 ? 5  C A P      1 
ATOM 131 O OP1    . C A 1 5  ? 3.041   8.359   6.746   1.00 0.00 ? 5  C A OP1    1 
ATOM 132 O OP2    . C A 1 5  ? 3.412   5.832   6.986   1.00 0.00 ? 5  C A OP2    1 
ATOM 133 O "O5'"  . C A 1 5  ? 1.349   6.733   5.872   1.00 0.00 ? 5  C A "O5'"  1 
ATOM 134 C "C5'"  . C A 1 5  ? 0.348   6.849   6.849   1.00 0.00 ? 5  C A "C5'"  1 
ATOM 135 C "C4'"  . C A 1 5  ? -1.025  6.402   6.315   1.00 0.00 ? 5  C A "C4'"  1 
ATOM 136 O "O4'"  . C A 1 5  ? -1.026  5.714   5.069   1.00 0.00 ? 5  C A "O4'"  1 
ATOM 137 C "C3'"  . C A 1 5  ? -1.649  5.416   7.293   1.00 0.00 ? 5  C A "C3'"  1 
ATOM 138 O "O3'"  . C A 1 5  ? -2.062  6.048   8.485   1.00 0.00 ? 5  C A "O3'"  1 
ATOM 139 C "C2'"  . C A 1 5  ? -2.749  4.813   6.435   1.00 0.00 ? 5  C A "C2'"  1 
ATOM 140 O "O2'"  . C A 1 5  ? -3.858  5.680   6.303   1.00 0.00 ? 5  C A "O2'"  1 
ATOM 141 C "C1'"  . C A 1 5  ? -1.996  4.666   5.105   1.00 0.00 ? 5  C A "C1'"  1 
ATOM 142 N N1     . C A 1 5  ? -1.352  3.314   5.033   1.00 0.00 ? 5  C A N1     1 
ATOM 143 C C2     . C A 1 5  ? -2.134  2.225   4.609   1.00 0.00 ? 5  C A C2     1 
ATOM 144 O O2     . C A 1 5  ? -3.313  2.377   4.295   1.00 0.00 ? 5  C A O2     1 
ATOM 145 N N3     . C A 1 5  ? -1.556  0.984   4.555   1.00 0.00 ? 5  C A N3     1 
ATOM 146 C C4     . C A 1 5  ? -0.268  0.790   4.902   1.00 0.00 ? 5  C A C4     1 
ATOM 147 N N4     . C A 1 5  ? 0.244   -0.444  4.834   1.00 0.00 ? 5  C A N4     1 
ATOM 148 C C5     . C A 1 5  ? 0.546   1.885   5.368   1.00 0.00 ? 5  C A C5     1 
ATOM 149 C C6     . C A 1 5  ? -0.041  3.106   5.429   1.00 0.00 ? 5  C A C6     1 
ATOM 150 H "H5'"  . C A 1 5  ? 0.281   7.889   7.170   1.00 0.00 ? 5  C A "H5'"  1 
ATOM 151 H "H5''" . C A 1 5  ? 0.637   6.243   7.709   1.00 0.00 ? 5  C A "H5''" 1 
ATOM 152 H "H4'"  . C A 1 5  ? -1.667  7.279   6.200   1.00 0.00 ? 5  C A "H4'"  1 
ATOM 153 H "H3'"  . C A 1 5  ? -0.922  4.636   7.533   1.00 0.00 ? 5  C A "H3'"  1 
ATOM 154 H "H2'"  . C A 1 5  ? -3.087  3.866   6.838   1.00 0.00 ? 5  C A "H2'"  1 
ATOM 155 H "HO2'" . C A 1 5  ? -3.541  6.567   6.122   1.00 0.00 ? 5  C A "HO2'" 1 
ATOM 156 H "H1'"  . C A 1 5  ? -2.680  4.801   4.262   1.00 0.00 ? 5  C A "H1'"  1 
ATOM 157 H H41    . C A 1 5  ? -0.334  -1.207  4.513   1.00 0.00 ? 5  C A H41    1 
ATOM 158 H H42    . C A 1 5  ? 1.211   -0.609  5.073   1.00 0.00 ? 5  C A H42    1 
ATOM 159 H H5     . C A 1 5  ? 1.579   1.773   5.667   1.00 0.00 ? 5  C A H5     1 
ATOM 160 H H6     . C A 1 5  ? 0.540   3.927   5.818   1.00 0.00 ? 5  C A H6     1 
ATOM 161 P P      . U A 1 6  ? -2.707  5.209   9.694   1.00 0.00 ? 6  U A P      1 
ATOM 162 O OP1    . U A 1 6  ? -2.538  5.995   10.936  1.00 0.00 ? 6  U A OP1    1 
ATOM 163 O OP2    . U A 1 6  ? -2.231  3.807   9.631   1.00 0.00 ? 6  U A OP2    1 
ATOM 164 O "O5'"  . U A 1 6  ? -4.262  5.230   9.296   1.00 0.00 ? 6  U A "O5'"  1 
ATOM 165 C "C5'"  . U A 1 6  ? -5.227  4.642   10.136  1.00 0.00 ? 6  U A "C5'"  1 
ATOM 166 C "C4'"  . U A 1 6  ? -6.604  5.250   9.882   1.00 0.00 ? 6  U A "C4'"  1 
ATOM 167 O "O4'"  . U A 1 6  ? -6.566  6.662   9.978   1.00 0.00 ? 6  U A "O4'"  1 
ATOM 168 C "C3'"  . U A 1 6  ? -7.236  4.898   8.524   1.00 0.00 ? 6  U A "C3'"  1 
ATOM 169 O "O3'"  . U A 1 6  ? -8.574  4.619   8.877   1.00 0.00 ? 6  U A "O3'"  1 
ATOM 170 C "C2'"  . U A 1 6  ? -7.109  6.195   7.724   1.00 0.00 ? 6  U A "C2'"  1 
ATOM 171 O "O2'"  . U A 1 6  ? -8.090  6.422   6.731   1.00 0.00 ? 6  U A "O2'"  1 
ATOM 172 C "C1'"  . U A 1 6  ? -7.211  7.222   8.847   1.00 0.00 ? 6  U A "C1'"  1 
ATOM 173 N N1     . U A 1 6  ? -6.521  8.468   8.435   1.00 0.00 ? 6  U A N1     1 
ATOM 174 C C2     . U A 1 6  ? -7.284  9.612   8.160   1.00 0.00 ? 6  U A C2     1 
ATOM 175 O O2     . U A 1 6  ? -8.508  9.651   8.270   1.00 0.00 ? 6  U A O2     1 
ATOM 176 N N3     . U A 1 6  ? -6.568  10.734  7.740   1.00 0.00 ? 6  U A N3     1 
ATOM 177 C C4     . U A 1 6  ? -5.185  10.794  7.546   1.00 0.00 ? 6  U A C4     1 
ATOM 178 O O4     . U A 1 6  ? -4.654  11.841  7.186   1.00 0.00 ? 6  U A O4     1 
ATOM 179 C C5     . U A 1 6  ? -4.482  9.545   7.802   1.00 0.00 ? 6  U A C5     1 
ATOM 180 C C6     . U A 1 6  ? -5.155  8.451   8.232   1.00 0.00 ? 6  U A C6     1 
ATOM 181 H "H5'"  . U A 1 6  ? -4.983  4.829   11.185  1.00 0.00 ? 6  U A "H5'"  1 
ATOM 182 H "H5''" . U A 1 6  ? -5.252  3.565   9.966   1.00 0.00 ? 6  U A "H5''" 1 
ATOM 183 H "H4'"  . U A 1 6  ? -7.219  4.887   10.710  1.00 0.00 ? 6  U A "H4'"  1 
ATOM 184 H "H3'"  . U A 1 6  ? -6.724  4.070   8.037   1.00 0.00 ? 6  U A "H3'"  1 
ATOM 185 H "H2'"  . U A 1 6  ? -6.137  6.214   7.233   1.00 0.00 ? 6  U A "H2'"  1 
ATOM 186 H "HO2'" . U A 1 6  ? -8.025  7.329   6.423   1.00 0.00 ? 6  U A "HO2'" 1 
ATOM 187 H "H1'"  . U A 1 6  ? -8.264  7.363   9.105   1.00 0.00 ? 6  U A "H1'"  1 
ATOM 188 H H3     . U A 1 6  ? -7.100  11.572  7.559   1.00 0.00 ? 6  U A H3     1 
ATOM 189 H H5     . U A 1 6  ? -3.414  9.477   7.653   1.00 0.00 ? 6  U A H5     1 
ATOM 190 H H6     . U A 1 6  ? -4.602  7.540   8.400   1.00 0.00 ? 6  U A H6     1 
ATOM 191 P P      . A A 1 7  ? -9.601  3.785   7.988   1.00 0.00 ? 7  A A P      1 
ATOM 192 O OP1    . A A 1 7  ? -9.648  4.331   6.615   1.00 0.00 ? 7  A A OP1    1 
ATOM 193 O OP2    . A A 1 7  ? -10.846 3.684   8.777   1.00 0.00 ? 7  A A OP2    1 
ATOM 194 O "O5'"  . A A 1 7  ? -8.984  2.312   7.881   1.00 0.00 ? 7  A A "O5'"  1 
ATOM 195 C "C5'"  . A A 1 7  ? -9.794  1.323   7.287   1.00 0.00 ? 7  A A "C5'"  1 
ATOM 196 C "C4'"  . A A 1 7  ? -9.059  0.028   6.985   1.00 0.00 ? 7  A A "C4'"  1 
ATOM 197 O "O4'"  . A A 1 7  ? -7.805  0.242   6.364   1.00 0.00 ? 7  A A "O4'"  1 
ATOM 198 C "C3'"  . A A 1 7  ? -8.832  -0.777  8.266   1.00 0.00 ? 7  A A "C3'"  1 
ATOM 199 O "O3'"  . A A 1 7  ? -9.256  -2.089  8.007   1.00 0.00 ? 7  A A "O3'"  1 
ATOM 200 C "C2'"  . A A 1 7  ? -7.324  -0.771  8.441   1.00 0.00 ? 7  A A "C2'"  1 
ATOM 201 O "O2'"  . A A 1 7  ? -6.847  -1.966  9.034   1.00 0.00 ? 7  A A "O2'"  1 
ATOM 202 C "C1'"  . A A 1 7  ? -6.841  -0.575  7.002   1.00 0.00 ? 7  A A "C1'"  1 
ATOM 203 N N9     . A A 1 7  ? -5.542  0.118   7.049   1.00 0.00 ? 7  A A N9     1 
ATOM 204 C C8     . A A 1 7  ? -5.318  1.455   7.256   1.00 0.00 ? 7  A A C8     1 
ATOM 205 N N7     . A A 1 7  ? -4.087  1.752   7.546   1.00 0.00 ? 7  A A N7     1 
ATOM 206 C C5     . A A 1 7  ? -3.430  0.532   7.484   1.00 0.00 ? 7  A A C5     1 
ATOM 207 C C6     . A A 1 7  ? -2.083  0.143   7.697   1.00 0.00 ? 7  A A C6     1 
ATOM 208 N N6     . A A 1 7  ? -1.135  1.012   8.074   1.00 0.00 ? 7  A A N6     1 
ATOM 209 N N1     . A A 1 7  ? -1.750  -1.163  7.534   1.00 0.00 ? 7  A A N1     1 
ATOM 210 C C2     . A A 1 7  ? -2.709  -2.041  7.206   1.00 0.00 ? 7  A A C2     1 
ATOM 211 N N3     . A A 1 7  ? -4.011  -1.804  7.012   1.00 0.00 ? 7  A A N3     1 
ATOM 212 C C4     . A A 1 7  ? -4.311  -0.476  7.159   1.00 0.00 ? 7  A A C4     1 
ATOM 213 H "H5'"  . A A 1 7  ? -10.201 1.700   6.347   1.00 0.00 ? 7  A A "H5'"  1 
ATOM 214 H "H5''" . A A 1 7  ? -10.619 1.111   7.970   1.00 0.00 ? 7  A A "H5''" 1 
ATOM 215 H "H4'"  . A A 1 7  ? -9.693  -0.517  6.281   1.00 0.00 ? 7  A A "H4'"  1 
ATOM 216 H "H3'"  . A A 1 7  ? -9.308  -0.355  9.155   1.00 0.00 ? 7  A A "H3'"  1 
ATOM 217 H "H2'"  . A A 1 7  ? -7.057  0.078   9.073   1.00 0.00 ? 7  A A "H2'"  1 
ATOM 218 H "HO2'" . A A 1 7  ? -7.609  -2.504  9.267   1.00 0.00 ? 7  A A "HO2'" 1 
ATOM 219 H "H1'"  . A A 1 7  ? -6.777  -1.533  6.481   1.00 0.00 ? 7  A A "H1'"  1 
ATOM 220 H H8     . A A 1 7  ? -6.111  2.183   7.223   1.00 0.00 ? 7  A A H8     1 
ATOM 221 H H61    . A A 1 7  ? -0.184  0.696   8.198   1.00 0.00 ? 7  A A H61    1 
ATOM 222 H H62    . A A 1 7  ? -1.378  1.977   8.252   1.00 0.00 ? 7  A A H62    1 
ATOM 223 H H2     . A A 1 7  ? -2.398  -3.070  7.095   1.00 0.00 ? 7  A A H2     1 
ATOM 224 P P      . U A 1 8  ? -10.649 -2.647  8.549   1.00 0.00 ? 8  U A P      1 
ATOM 225 O OP1    . U A 1 8  ? -11.767 -1.828  8.032   1.00 0.00 ? 8  U A OP1    1 
ATOM 226 O OP2    . U A 1 8  ? -10.509 -2.917  9.998   1.00 0.00 ? 8  U A OP2    1 
ATOM 227 O "O5'"  . U A 1 8  ? -10.565 -4.012  7.730   1.00 0.00 ? 8  U A "O5'"  1 
ATOM 228 C "C5'"  . U A 1 8  ? -9.786  -5.084  8.209   1.00 0.00 ? 8  U A "C5'"  1 
ATOM 229 C "C4'"  . U A 1 8  ? -8.938  -5.696  7.086   1.00 0.00 ? 8  U A "C4'"  1 
ATOM 230 O "O4'"  . U A 1 8  ? -7.558  -5.452  7.328   1.00 0.00 ? 8  U A "O4'"  1 
ATOM 231 C "C3'"  . U A 1 8  ? -9.107  -7.211  7.148   1.00 0.00 ? 8  U A "C3'"  1 
ATOM 232 O "O3'"  . U A 1 8  ? -8.622  -7.699  5.921   1.00 0.00 ? 8  U A "O3'"  1 
ATOM 233 C "C2'"  . U A 1 8  ? -8.172  -7.518  8.317   1.00 0.00 ? 8  U A "C2'"  1 
ATOM 234 O "O2'"  . U A 1 8  ? -7.807  -8.877  8.417   1.00 0.00 ? 8  U A "O2'"  1 
ATOM 235 C "C1'"  . U A 1 8  ? -6.997  -6.615  7.922   1.00 0.00 ? 8  U A "C1'"  1 
ATOM 236 N N1     . U A 1 8  ? -6.012  -6.244  8.979   1.00 0.00 ? 8  U A N1     1 
ATOM 237 C C2     . U A 1 8  ? -4.764  -5.783  8.524   1.00 0.00 ? 8  U A C2     1 
ATOM 238 O O2     . U A 1 8  ? -4.470  -5.700  7.333   1.00 0.00 ? 8  U A O2     1 
ATOM 239 N N3     . U A 1 8  ? -3.850  -5.402  9.505   1.00 0.00 ? 8  U A N3     1 
ATOM 240 C C4     . U A 1 8  ? -4.082  -5.415  10.879  1.00 0.00 ? 8  U A C4     1 
ATOM 241 O O4     . U A 1 8  ? -3.205  -5.039  11.655  1.00 0.00 ? 8  U A O4     1 
ATOM 242 C C5     . U A 1 8  ? -5.400  -5.890  11.269  1.00 0.00 ? 8  U A C5     1 
ATOM 243 C C6     . U A 1 8  ? -6.308  -6.283  10.330  1.00 0.00 ? 8  U A C6     1 
ATOM 244 H "H5'"  . U A 1 8  ? -10.520 -5.787  8.599   1.00 0.00 ? 8  U A "H5'"  1 
ATOM 245 H "H5''" . U A 1 8  ? -9.123  -4.808  9.033   1.00 0.00 ? 8  U A "H5''" 1 
ATOM 246 H "H4'"  . U A 1 8  ? -9.222  -5.292  6.111   1.00 0.00 ? 8  U A "H4'"  1 
ATOM 247 H "H3'"  . U A 1 8  ? -10.144 -7.501  7.326   1.00 0.00 ? 8  U A "H3'"  1 
ATOM 248 H "H2'"  . U A 1 8  ? -8.671  -7.207  9.234   1.00 0.00 ? 8  U A "H2'"  1 
ATOM 249 H "HO2'" . U A 1 8  ? -8.596  -9.413  8.305   1.00 0.00 ? 8  U A "HO2'" 1 
ATOM 250 H "H1'"  . U A 1 8  ? -6.466  -7.154  7.133   1.00 0.00 ? 8  U A "H1'"  1 
ATOM 251 H H3     . U A 1 8  ? -2.949  -5.084  9.183   1.00 0.00 ? 8  U A H3     1 
ATOM 252 H H5     . U A 1 8  ? -5.668  -5.931  12.314  1.00 0.00 ? 8  U A H5     1 
ATOM 253 H H6     . U A 1 8  ? -7.268  -6.619  10.688  1.00 0.00 ? 8  U A H6     1 
ATOM 254 P P      . G A 1 9  ? -9.160  -9.038  5.250   1.00 0.00 ? 9  G A P      1 
ATOM 255 O OP1    . G A 1 9  ? -10.615 -8.901  5.009   1.00 0.00 ? 9  G A OP1    1 
ATOM 256 O OP2    . G A 1 9  ? -8.637  -10.186 6.022   1.00 0.00 ? 9  G A OP2    1 
ATOM 257 O "O5'"  . G A 1 9  ? -8.340  -8.949  3.864   1.00 0.00 ? 9  G A "O5'"  1 
ATOM 258 C "C5'"  . G A 1 9  ? -8.500  -7.955  2.856   1.00 0.00 ? 9  G A "C5'"  1 
ATOM 259 C "C4'"  . G A 1 9  ? -8.566  -6.452  3.227   1.00 0.00 ? 9  G A "C4'"  1 
ATOM 260 O "O4'"  . G A 1 9  ? -7.502  -5.994  4.041   1.00 0.00 ? 9  G A "O4'"  1 
ATOM 261 C "C3'"  . G A 1 9  ? -8.372  -5.652  1.939   1.00 0.00 ? 9  G A "C3'"  1 
ATOM 262 O "O3'"  . G A 1 9  ? -9.546  -5.695  1.139   1.00 0.00 ? 9  G A "O3'"  1 
ATOM 263 C "C2'"  . G A 1 9  ? -7.943  -4.269  2.438   1.00 0.00 ? 9  G A "C2'"  1 
ATOM 264 O "O2'"  . G A 1 9  ? -9.047  -3.410  2.651   1.00 0.00 ? 9  G A "O2'"  1 
ATOM 265 C "C1'"  . G A 1 9  ? -7.261  -4.614  3.775   1.00 0.00 ? 9  G A "C1'"  1 
ATOM 266 N N9     . G A 1 9  ? -5.798  -4.366  3.723   1.00 0.00 ? 9  G A N9     1 
ATOM 267 C C8     . G A 1 9  ? -4.765  -5.270  3.654   1.00 0.00 ? 9  G A C8     1 
ATOM 268 N N7     . G A 1 9  ? -3.579  -4.732  3.643   1.00 0.00 ? 9  G A N7     1 
ATOM 269 C C5     . G A 1 9  ? -3.830  -3.369  3.706   1.00 0.00 ? 9  G A C5     1 
ATOM 270 C C6     . G A 1 9  ? -2.920  -2.263  3.727   1.00 0.00 ? 9  G A C6     1 
ATOM 271 O O6     . G A 1 9  ? -1.695  -2.303  3.664   1.00 0.00 ? 9  G A O6     1 
ATOM 272 N N1     . G A 1 9  ? -3.567  -1.024  3.824   1.00 0.00 ? 9  G A N1     1 
ATOM 273 C C2     . G A 1 9  ? -4.951  -0.869  3.857   1.00 0.00 ? 9  G A C2     1 
ATOM 274 N N2     . G A 1 9  ? -5.427  0.379   3.938   1.00 0.00 ? 9  G A N2     1 
ATOM 275 N N3     . G A 1 9  ? -5.807  -1.913  3.820   1.00 0.00 ? 9  G A N3     1 
ATOM 276 C C4     . G A 1 9  ? -5.191  -3.132  3.751   1.00 0.00 ? 9  G A C4     1 
ATOM 277 H "H5'"  . G A 1 9  ? -9.355  -8.194  2.223   1.00 0.00 ? 9  G A "H5'"  1 
ATOM 278 H "H5''" . G A 1 9  ? -7.597  -8.095  2.262   1.00 0.00 ? 9  G A "H5''" 1 
ATOM 279 H "H4'"  . G A 1 9  ? -9.520  -6.187  3.692   1.00 0.00 ? 9  G A "H4'"  1 
ATOM 280 H "H3'"  . G A 1 9  ? -7.524  -6.072  1.392   1.00 0.00 ? 9  G A "H3'"  1 
ATOM 281 H "H2'"  . G A 1 9  ? -7.264  -3.803  1.722   1.00 0.00 ? 9  G A "H2'"  1 
ATOM 282 H "HO2'" . G A 1 9  ? -8.752  -2.503  2.535   1.00 0.00 ? 9  G A "HO2'" 1 
ATOM 283 H "H1'"  . G A 1 9  ? -7.685  -4.011  4.582   1.00 0.00 ? 9  G A "H1'"  1 
ATOM 284 H H8     . G A 1 9  ? -4.918  -6.338  3.619   1.00 0.00 ? 9  G A H8     1 
ATOM 285 H H1     . G A 1 9  ? -2.981  -0.203  3.870   1.00 0.00 ? 9  G A H1     1 
ATOM 286 H H21    . G A 1 9  ? -4.791  1.162   3.970   1.00 0.00 ? 9  G A H21    1 
ATOM 287 H H22    . G A 1 9  ? -6.422  0.535   3.990   1.00 0.00 ? 9  G A H22    1 
ATOM 288 P P      . U A 1 10 ? -9.564  -5.170  -0.385  1.00 0.00 ? 10 U A P      1 
ATOM 289 O OP1    . U A 1 10 ? -10.927 -5.350  -0.931  1.00 0.00 ? 10 U A OP1    1 
ATOM 290 O OP2    . U A 1 10 ? -8.399  -5.742  -1.097  1.00 0.00 ? 10 U A OP2    1 
ATOM 291 O "O5'"  . U A 1 10 ? -9.321  -3.598  -0.160  1.00 0.00 ? 10 U A "O5'"  1 
ATOM 292 C "C5'"  . U A 1 10 ? -8.959  -2.742  -1.218  1.00 0.00 ? 10 U A "C5'"  1 
ATOM 293 C "C4'"  . U A 1 10 ? -8.638  -1.346  -0.671  1.00 0.00 ? 10 U A "C4'"  1 
ATOM 294 O "O4'"  . U A 1 10 ? -7.866  -1.372  0.521   1.00 0.00 ? 10 U A "O4'"  1 
ATOM 295 C "C3'"  . U A 1 10 ? -7.805  -0.575  -1.693  1.00 0.00 ? 10 U A "C3'"  1 
ATOM 296 O "O3'"  . U A 1 10 ? -8.621  -0.037  -2.723  1.00 0.00 ? 10 U A "O3'"  1 
ATOM 297 C "C2'"  . U A 1 10 ? -7.142  0.463   -0.798  1.00 0.00 ? 10 U A "C2'"  1 
ATOM 298 O "O2'"  . U A 1 10 ? -8.047  1.506   -0.480  1.00 0.00 ? 10 U A "O2'"  1 
ATOM 299 C "C1'"  . U A 1 10 ? -6.847  -0.382  0.453   1.00 0.00 ? 10 U A "C1'"  1 
ATOM 300 N N1     . U A 1 10 ? -5.483  -0.999  0.384   1.00 0.00 ? 10 U A N1     1 
ATOM 301 C C2     . U A 1 10 ? -4.388  -0.176  0.687   1.00 0.00 ? 10 U A C2     1 
ATOM 302 O O2     . U A 1 10 ? -4.495  1.022   0.946   1.00 0.00 ? 10 U A O2     1 
ATOM 303 N N3     . U A 1 10 ? -3.138  -0.789  0.687   1.00 0.00 ? 10 U A N3     1 
ATOM 304 C C4     . U A 1 10 ? -2.875  -2.124  0.391   1.00 0.00 ? 10 U A C4     1 
ATOM 305 O O4     . U A 1 10 ? -1.726  -2.556  0.432   1.00 0.00 ? 10 U A O4     1 
ATOM 306 C C5     . U A 1 10 ? -4.054  -2.899  0.043   1.00 0.00 ? 10 U A C5     1 
ATOM 307 C C6     . U A 1 10 ? -5.289  -2.332  0.048   1.00 0.00 ? 10 U A C6     1 
ATOM 308 H "H5'"  . U A 1 10 ? -9.785  -2.669  -1.926  1.00 0.00 ? 10 U A "H5'"  1 
ATOM 309 H "H5''" . U A 1 10 ? -8.087  -3.152  -1.731  1.00 0.00 ? 10 U A "H5''" 1 
ATOM 310 H "H4'"  . U A 1 10 ? -9.564  -0.812  -0.444  1.00 0.00 ? 10 U A "H4'"  1 
ATOM 311 H "H3'"  . U A 1 10 ? -7.026  -1.232  -2.092  1.00 0.00 ? 10 U A "H3'"  1 
ATOM 312 H "H2'"  . U A 1 10 ? -6.245  0.877   -1.256  1.00 0.00 ? 10 U A "H2'"  1 
ATOM 313 H "HO2'" . U A 1 10 ? -7.604  2.347   -0.609  1.00 0.00 ? 10 U A "HO2'" 1 
ATOM 314 H "H1'"  . U A 1 10 ? -6.916  0.229   1.356   1.00 0.00 ? 10 U A "H1'"  1 
ATOM 315 H H3     . U A 1 10 ? -2.351  -0.208  0.920   1.00 0.00 ? 10 U A H3     1 
ATOM 316 H H5     . U A 1 10 ? -3.942  -3.941  -0.220  1.00 0.00 ? 10 U A H5     1 
ATOM 317 H H6     . U A 1 10 ? -6.126  -2.955  -0.223  1.00 0.00 ? 10 U A H6     1 
ATOM 318 P P      . A A 1 11 ? -8.077  0.183   -4.229  1.00 0.00 ? 11 A A P      1 
ATOM 319 O OP1    . A A 1 11 ? -9.153  0.833   -5.012  1.00 0.00 ? 11 A A OP1    1 
ATOM 320 O OP2    . A A 1 11 ? -7.501  -1.096  -4.702  1.00 0.00 ? 11 A A OP2    1 
ATOM 321 O "O5'"  . A A 1 11 ? -6.869  1.239   -4.040  1.00 0.00 ? 11 A A "O5'"  1 
ATOM 322 C "C5'"  . A A 1 11 ? -7.104  2.622   -3.839  1.00 0.00 ? 11 A A "C5'"  1 
ATOM 323 C "C4'"  . A A 1 11 ? -5.784  3.359   -3.585  1.00 0.00 ? 11 A A "C4'"  1 
ATOM 324 O "O4'"  . A A 1 11 ? -5.121  2.847   -2.443  1.00 0.00 ? 11 A A "O4'"  1 
ATOM 325 C "C3'"  . A A 1 11 ? -4.776  3.242   -4.730  1.00 0.00 ? 11 A A "C3'"  1 
ATOM 326 O "O3'"  . A A 1 11 ? -5.106  4.103   -5.814  1.00 0.00 ? 11 A A "O3'"  1 
ATOM 327 C "C2'"  . A A 1 11 ? -3.493  3.634   -3.999  1.00 0.00 ? 11 A A "C2'"  1 
ATOM 328 O "O2'"  . A A 1 11 ? -3.366  5.041   -3.901  1.00 0.00 ? 11 A A "O2'"  1 
ATOM 329 C "C1'"  . A A 1 11 ? -3.724  3.028   -2.606  1.00 0.00 ? 11 A A "C1'"  1 
ATOM 330 N N9     . A A 1 11 ? -3.006  1.738   -2.467  1.00 0.00 ? 11 A A N9     1 
ATOM 331 C C8     . A A 1 11 ? -3.446  0.445   -2.641  1.00 0.00 ? 11 A A C8     1 
ATOM 332 N N7     . A A 1 11 ? -2.552  -0.466  -2.375  1.00 0.00 ? 11 A A N7     1 
ATOM 333 C C5     . A A 1 11 ? -1.428  0.268   -2.014  1.00 0.00 ? 11 A A C5     1 
ATOM 334 C C6     . A A 1 11 ? -0.117  -0.084  -1.593  1.00 0.00 ? 11 A A C6     1 
ATOM 335 N N6     . A A 1 11 ? 0.287   -1.345  -1.392  1.00 0.00 ? 11 A A N6     1 
ATOM 336 N N1     . A A 1 11 ? 0.775   0.910   -1.372  1.00 0.00 ? 11 A A N1     1 
ATOM 337 C C2     . A A 1 11 ? 0.404   2.183   -1.536  1.00 0.00 ? 11 A A C2     1 
ATOM 338 N N3     . A A 1 11 ? -0.799  2.638   -1.895  1.00 0.00 ? 11 A A N3     1 
ATOM 339 C C4     . A A 1 11 ? -1.685  1.617   -2.120  1.00 0.00 ? 11 A A C4     1 
ATOM 340 H "H5'"  . A A 1 11 ? -7.765  2.775   -2.984  1.00 0.00 ? 11 A A "H5'"  1 
ATOM 341 H "H5''" . A A 1 11 ? -7.573  3.044   -4.730  1.00 0.00 ? 11 A A "H5''" 1 
ATOM 342 H "H4'"  . A A 1 11 ? -5.999  4.414   -3.398  1.00 0.00 ? 11 A A "H4'"  1 
ATOM 343 H "H3'"  . A A 1 11 ? -4.708  2.199   -5.048  1.00 0.00 ? 11 A A "H3'"  1 
ATOM 344 H "H2'"  . A A 1 11 ? -2.613  3.230   -4.492  1.00 0.00 ? 11 A A "H2'"  1 
ATOM 345 H "HO2'" . A A 1 11 ? -2.437  5.269   -3.972  1.00 0.00 ? 11 A A "HO2'" 1 
ATOM 346 H "H1'"  . A A 1 11 ? -3.372  3.706   -1.824  1.00 0.00 ? 11 A A "H1'"  1 
ATOM 347 H H8     . A A 1 11 ? -4.449  0.196   -2.957  1.00 0.00 ? 11 A A H8     1 
ATOM 348 H H61    . A A 1 11 ? 1.234   -1.525  -1.092  1.00 0.00 ? 11 A A H61    1 
ATOM 349 H H62    . A A 1 11 ? -0.367  -2.110  -1.489  1.00 0.00 ? 11 A A H62    1 
ATOM 350 H H2     . A A 1 11 ? 1.159   2.929   -1.337  1.00 0.00 ? 11 A A H2     1 
ATOM 351 P P      . C A 1 12 ? -4.467  3.933   -7.295  1.00 0.00 ? 12 C A P      1 
ATOM 352 O OP1    . C A 1 12 ? -5.000  5.024   -8.143  1.00 0.00 ? 12 C A OP1    1 
ATOM 353 O OP2    . C A 1 12 ? -4.658  2.526   -7.712  1.00 0.00 ? 12 C A OP2    1 
ATOM 354 O "O5'"  . C A 1 12 ? -2.881  4.178   -7.094  1.00 0.00 ? 12 C A "O5'"  1 
ATOM 355 C "C5'"  . C A 1 12 ? -2.299  5.471   -7.028  1.00 0.00 ? 12 C A "C5'"  1 
ATOM 356 C "C4'"  . C A 1 12 ? -0.806  5.359   -6.689  1.00 0.00 ? 12 C A "C4'"  1 
ATOM 357 O "O4'"  . C A 1 12 ? -0.613  4.604   -5.505  1.00 0.00 ? 12 C A "O4'"  1 
ATOM 358 C "C3'"  . C A 1 12 ? 0.018   4.653   -7.769  1.00 0.00 ? 12 C A "C3'"  1 
ATOM 359 O "O3'"  . C A 1 12 ? 0.334   5.526   -8.847  1.00 0.00 ? 12 C A "O3'"  1 
ATOM 360 C "C2'"  . C A 1 12 ? 1.241   4.219   -6.961  1.00 0.00 ? 12 C A "C2'"  1 
ATOM 361 O "O2'"  . C A 1 12 ? 2.200   5.257   -6.877  1.00 0.00 ? 12 C A "O2'"  1 
ATOM 362 C "C1'"  . C A 1 12 ? 0.644   3.945   -5.571  1.00 0.00 ? 12 C A "C1'"  1 
ATOM 363 N N1     . C A 1 12 ? 0.528   2.474   -5.326  1.00 0.00 ? 12 C A N1     1 
ATOM 364 C C2     . C A 1 12 ? 1.635   1.813   -4.769  1.00 0.00 ? 12 C A C2     1 
ATOM 365 O O2     . C A 1 12 ? 2.675   2.417   -4.520  1.00 0.00 ? 12 C A O2     1 
ATOM 366 N N3     . C A 1 12 ? 1.531   0.475   -4.505  1.00 0.00 ? 12 C A N3     1 
ATOM 367 C C4     . C A 1 12 ? 0.413   -0.218  -4.791  1.00 0.00 ? 12 C A C4     1 
ATOM 368 N N4     . C A 1 12 ? 0.366   -1.516  -4.468  1.00 0.00 ? 12 C A N4     1 
ATOM 369 C C5     . C A 1 12 ? -0.715  0.423   -5.424  1.00 0.00 ? 12 C A C5     1 
ATOM 370 C C6     . C A 1 12 ? -0.604  1.756   -5.674  1.00 0.00 ? 12 C A C6     1 
ATOM 371 H "H5'"  . C A 1 12 ? -2.794  6.073   -6.264  1.00 0.00 ? 12 C A "H5'"  1 
ATOM 372 H "H5''" . C A 1 12 ? -2.406  5.972   -7.992  1.00 0.00 ? 12 C A "H5''" 1 
ATOM 373 H "H4'"  . C A 1 12 ? -0.396  6.358   -6.521  1.00 0.00 ? 12 C A "H4'"  1 
ATOM 374 H "H3'"  . C A 1 12 ? -0.524  3.769   -8.113  1.00 0.00 ? 12 C A "H3'"  1 
ATOM 375 H "H2'"  . C A 1 12 ? 1.709   3.339   -7.401  1.00 0.00 ? 12 C A "H2'"  1 
ATOM 376 H "HO2'" . C A 1 12 ? 3.075   4.872   -6.962  1.00 0.00 ? 12 C A "HO2'" 1 
ATOM 377 H "H1'"  . C A 1 12 ? 1.259   4.405   -4.793  1.00 0.00 ? 12 C A "H1'"  1 
ATOM 378 H H41    . C A 1 12 ? 1.169   -1.946  -4.030  1.00 0.00 ? 12 C A H41    1 
ATOM 379 H H42    . C A 1 12 ? -0.467  -2.058  -4.641  1.00 0.00 ? 12 C A H42    1 
ATOM 380 H H5     . C A 1 12 ? -1.620  -0.101  -5.695  1.00 0.00 ? 12 C A H5     1 
ATOM 381 H H6     . C A 1 12 ? -1.426  2.250   -6.165  1.00 0.00 ? 12 C A H6     1 
ATOM 382 P P      . C A 1 13 ? 0.871   4.992   -10.279 1.00 0.00 ? 13 C A P      1 
ATOM 383 O OP1    . C A 1 13 ? 1.205   6.175   -11.105 1.00 0.00 ? 13 C A OP1    1 
ATOM 384 O OP2    . C A 1 13 ? -0.107  4.004   -10.787 1.00 0.00 ? 13 C A OP2    1 
ATOM 385 O "O5'"  . C A 1 13 ? 2.243   4.199   -9.948  1.00 0.00 ? 13 C A "O5'"  1 
ATOM 386 C "C5'"  . C A 1 13 ? 3.510   4.837   -9.868  1.00 0.00 ? 13 C A "C5'"  1 
ATOM 387 C "C4'"  . C A 1 13 ? 4.593   3.798   -9.537  1.00 0.00 ? 13 C A "C4'"  1 
ATOM 388 O "O4'"  . C A 1 13 ? 4.268   3.096   -8.352  1.00 0.00 ? 13 C A "O4'"  1 
ATOM 389 C "C3'"  . C A 1 13 ? 4.730   2.716   -10.610 1.00 0.00 ? 13 C A "C3'"  1 
ATOM 390 O "O3'"  . C A 1 13 ? 5.481   3.165   -11.732 1.00 0.00 ? 13 C A "O3'"  1 
ATOM 391 C "C2'"  . C A 1 13 ? 5.372   1.571   -9.824  1.00 0.00 ? 13 C A "C2'"  1 
ATOM 392 O "O2'"  . C A 1 13 ? 6.782   1.562   -9.912  1.00 0.00 ? 13 C A "O2'"  1 
ATOM 393 C "C1'"  . C A 1 13 ? 4.952   1.853   -8.370  1.00 0.00 ? 13 C A "C1'"  1 
ATOM 394 N N1     . C A 1 13 ? 4.109   0.730   -7.863  1.00 0.00 ? 13 C A N1     1 
ATOM 395 C C2     . C A 1 13 ? 4.763   -0.377  -7.298  1.00 0.00 ? 13 C A C2     1 
ATOM 396 O O2     . C A 1 13 ? 5.982   -0.382  -7.146  1.00 0.00 ? 13 C A O2     1 
ATOM 397 N N3     . C A 1 13 ? 4.013   -1.461  -6.932  1.00 0.00 ? 13 C A N3     1 
ATOM 398 C C4     . C A 1 13 ? 2.682   -1.495  -7.136  1.00 0.00 ? 13 C A C4     1 
ATOM 399 N N4     . C A 1 13 ? 2.004   -2.587  -6.765  1.00 0.00 ? 13 C A N4     1 
ATOM 400 C C5     . C A 1 13 ? 1.998   -0.396  -7.775  1.00 0.00 ? 13 C A C5     1 
ATOM 401 C C6     . C A 1 13 ? 2.750   0.682   -8.118  1.00 0.00 ? 13 C A C6     1 
ATOM 402 H "H5'"  . C A 1 13 ? 3.505   5.611   -9.100  1.00 0.00 ? 13 C A "H5'"  1 
ATOM 403 H "H5''" . C A 1 13 ? 3.755   5.296   -10.828 1.00 0.00 ? 13 C A "H5''" 1 
ATOM 404 H "H4'"  . C A 1 13 ? 5.555   4.295   -9.395  1.00 0.00 ? 13 C A "H4'"  1 
ATOM 405 H "H3'"  . C A 1 13 ? 3.729   2.406   -10.918 1.00 0.00 ? 13 C A "H3'"  1 
ATOM 406 H "H2'"  . C A 1 13 ? 4.982   0.624   -10.195 1.00 0.00 ? 13 C A "H2'"  1 
ATOM 407 H "HO2'" . C A 1 13 ? 7.107   0.796   -9.431  1.00 0.00 ? 13 C A "HO2'" 1 
ATOM 408 H "H1'"  . C A 1 13 ? 5.830   1.997   -7.736  1.00 0.00 ? 13 C A "H1'"  1 
ATOM 409 H H41    . C A 1 13 ? 2.493   -3.352  -6.327  1.00 0.00 ? 13 C A H41    1 
ATOM 410 H H42    . C A 1 13 ? 1.006   -2.640  -6.906  1.00 0.00 ? 13 C A H42    1 
ATOM 411 H H5     . C A 1 13 ? 0.940   -0.399  -7.992  1.00 0.00 ? 13 C A H5     1 
ATOM 412 H H6     . C A 1 13 ? 2.272   1.501   -8.633  1.00 0.00 ? 13 C A H6     1 
ATOM 413 P P      . A A 1 14 ? 5.578   2.324   -13.117 1.00 0.00 ? 14 A A P      1 
ATOM 414 O OP1    . A A 1 14 ? 6.185   3.207   -14.139 1.00 0.00 ? 14 A A OP1    1 
ATOM 415 O OP2    . A A 1 14 ? 4.256   1.713   -13.379 1.00 0.00 ? 14 A A OP2    1 
ATOM 416 O "O5'"  . A A 1 14 ? 6.617   1.126   -12.803 1.00 0.00 ? 14 A A "O5'"  1 
ATOM 417 C "C5'"  . A A 1 14 ? 8.024   1.281   -12.905 1.00 0.00 ? 14 A A "C5'"  1 
ATOM 418 C "C4'"  . A A 1 14 ? 8.727   -0.035  -12.549 1.00 0.00 ? 14 A A "C4'"  1 
ATOM 419 O "O4'"  . A A 1 14 ? 8.427   -0.450  -11.228 1.00 0.00 ? 14 A A "O4'"  1 
ATOM 420 C "C3'"  . A A 1 14 ? 8.331   -1.206  -13.453 1.00 0.00 ? 14 A A "C3'"  1 
ATOM 421 O "O3'"  . A A 1 14 ? 8.973   -1.160  -14.715 1.00 0.00 ? 14 A A "O3'"  1 
ATOM 422 C "C2'"  . A A 1 14 ? 8.748   -2.390  -12.583 1.00 0.00 ? 14 A A "C2'"  1 
ATOM 423 O "O2'"  . A A 1 14 ? 10.141  -2.625  -12.699 1.00 0.00 ? 14 A A "O2'"  1 
ATOM 424 C "C1'"  . A A 1 14 ? 8.422   -1.870  -11.171 1.00 0.00 ? 14 A A "C1'"  1 
ATOM 425 N N9     . A A 1 14 ? 7.095   -2.348  -10.699 1.00 0.00 ? 14 A A N9     1 
ATOM 426 C C8     . A A 1 14 ? 5.844   -1.844  -10.962 1.00 0.00 ? 14 A A C8     1 
ATOM 427 N N7     . A A 1 14 ? 4.872   -2.452  -10.340 1.00 0.00 ? 14 A A N7     1 
ATOM 428 C C5     . A A 1 14 ? 5.513   -3.468  -9.642  1.00 0.00 ? 14 A A C5     1 
ATOM 429 C C6     . A A 1 14 ? 5.051   -4.515  -8.799  1.00 0.00 ? 14 A A C6     1 
ATOM 430 N N6     . A A 1 14 ? 3.765   -4.665  -8.455  1.00 0.00 ? 14 A A N6     1 
ATOM 431 N N1     . A A 1 14 ? 5.953   -5.409  -8.316  1.00 0.00 ? 14 A A N1     1 
ATOM 432 C C2     . A A 1 14 ? 7.246   -5.259  -8.630  1.00 0.00 ? 14 A A C2     1 
ATOM 433 N N3     . A A 1 14 ? 7.803   -4.306  -9.386  1.00 0.00 ? 14 A A N3     1 
ATOM 434 C C4     . A A 1 14 ? 6.872   -3.429  -9.876  1.00 0.00 ? 14 A A C4     1 
ATOM 435 H "H5'"  . A A 1 14 ? 8.372   2.070   -12.236 1.00 0.00 ? 14 A A "H5'"  1 
ATOM 436 H "H5''" . A A 1 14 ? 8.291   1.544   -13.931 1.00 0.00 ? 14 A A "H5''" 1 
ATOM 437 H "H4'"  . A A 1 14 ? 9.809   0.113   -12.606 1.00 0.00 ? 14 A A "H4'"  1 
ATOM 438 H "H3'"  . A A 1 14 ? 7.251   -1.237  -13.606 1.00 0.00 ? 14 A A "H3'"  1 
ATOM 439 H "HO3'" . A A 1 14 ? 9.770   -0.630  -14.636 1.00 0.00 ? 14 A A "HO3'" 1 
ATOM 440 H "H2'"  . A A 1 14 ? 8.199   -3.300  -12.836 1.00 0.00 ? 14 A A "H2'"  1 
ATOM 441 H "HO2'" . A A 1 14 ? 10.480  -2.919  -11.851 1.00 0.00 ? 14 A A "HO2'" 1 
ATOM 442 H "H1'"  . A A 1 14 ? 9.182   -2.186  -10.453 1.00 0.00 ? 14 A A "H1'"  1 
ATOM 443 H H8     . A A 1 14 ? 5.672   -1.008  -11.621 1.00 0.00 ? 14 A A H8     1 
ATOM 444 H H61    . A A 1 14 ? 3.497   -5.412  -7.833  1.00 0.00 ? 14 A A H61    1 
ATOM 445 H H62    . A A 1 14 ? 3.073   -4.008  -8.787  1.00 0.00 ? 14 A A H62    1 
ATOM 446 H H2     . A A 1 14 ? 7.923   -5.994  -8.219  1.00 0.00 ? 14 A A H2     1 
# 
